data_6RJM
#
_entry.id   6RJM
#
_cell.length_a   59.035
_cell.length_b   84.590
_cell.length_c   184.732
_cell.angle_alpha   90.00
_cell.angle_beta   90.00
_cell.angle_gamma   90.00
#
_symmetry.space_group_name_H-M   'P 21 21 21'
#
loop_
_entity.id
_entity.type
_entity.pdbx_description
1 polymer Beta-glucosidase
2 non-polymer alpha-D-glucopyranose
3 water water
#
_entity_poly.entity_id   1
_entity_poly.type   'polypeptide(L)'
_entity_poly.pdbx_seq_one_letter_code
;MGSSHHHHHHSSGLVPRGSHMLEMDDERAYPMTDHKALAARFPGDFLFGVATASFQIEGATKVDGRKPSIWDAFCNMPGH
VFGRHNGDVACDHYNRWEDDLDLIKEMGVEAYRFSIAWPRIIPDGFGPINEKGLDFYDRLVDGCKARGIKTYATLYHWDL
PLTLMGDGGWASRSTAHAFQRYAKTVMARLGDRLDAVATFNEPWCAVWLSHLYGIHAPGERNMEAALAAMHHINLAHGFG
VEASRHVAPKVPVGLVLNAHSVIPASNSDADMKAAERAFQFHNGAFFDPVFKGEYPAEMIEALGSRMPVVEAEDLSIISQ
KLDWWGLNYYTPMRVADDATEGAEFPATKQAPAVSDVKTDIGWEVYAPALHSLVETLYERYELPDCYITENGACYNMGVE
NGEVDDQPRLDYYAEHLGIVADLVKDGYPMRGYFAWSLMDNFEWAEGYRMRFGLVHVDYETQVRTLKNSGKWYSALASGF
PKGNHGVMKG
;
_entity_poly.pdbx_strand_id   A,B
#
loop_
_chem_comp.id
_chem_comp.type
_chem_comp.name
_chem_comp.formula
GLC D-saccharide, alpha linking alpha-D-glucopyranose 'C6 H12 O6'
#
# COMPACT_ATOMS: atom_id res chain seq x y z
N TYR A 30 -16.31 -42.39 -4.13
CA TYR A 30 -17.62 -42.43 -3.47
C TYR A 30 -17.48 -42.04 -2.01
N PRO A 31 -18.25 -41.00 -1.59
CA PRO A 31 -18.27 -40.49 -0.22
C PRO A 31 -18.65 -41.59 0.76
N MET A 32 -19.84 -41.48 1.35
CA MET A 32 -20.45 -42.49 2.22
C MET A 32 -21.49 -41.74 3.01
N THR A 33 -21.17 -40.70 3.70
CA THR A 33 -22.17 -39.89 4.39
C THR A 33 -23.12 -40.39 5.50
N ASP A 34 -23.19 -41.67 5.84
CA ASP A 34 -24.14 -42.07 6.89
C ASP A 34 -23.50 -41.66 8.20
N HIS A 35 -24.06 -40.68 8.84
CA HIS A 35 -23.41 -40.14 10.02
C HIS A 35 -23.23 -41.05 11.17
N LYS A 36 -24.19 -41.94 11.38
CA LYS A 36 -24.14 -42.77 12.53
C LYS A 36 -23.01 -43.68 12.29
N ALA A 37 -22.85 -44.03 11.04
CA ALA A 37 -21.68 -44.91 10.88
C ALA A 37 -20.38 -44.13 11.08
N LEU A 38 -20.21 -43.06 10.30
CA LEU A 38 -19.04 -42.18 10.39
C LEU A 38 -18.67 -41.82 11.83
N ALA A 39 -19.67 -41.50 12.64
CA ALA A 39 -19.44 -41.15 14.05
C ALA A 39 -18.76 -42.27 14.85
N ALA A 40 -19.06 -43.52 14.48
CA ALA A 40 -18.48 -44.68 15.16
C ALA A 40 -16.97 -44.75 14.95
N ARG A 41 -16.50 -44.18 13.83
CA ARG A 41 -15.08 -44.20 13.48
C ARG A 41 -14.24 -43.20 14.27
N PHE A 42 -14.89 -42.35 15.06
CA PHE A 42 -14.17 -41.35 15.84
C PHE A 42 -14.17 -41.69 17.33
N PRO A 43 -13.07 -41.38 18.03
CA PRO A 43 -12.98 -41.68 19.46
C PRO A 43 -13.93 -40.80 20.26
N GLY A 44 -14.30 -41.25 21.45
CA GLY A 44 -15.27 -40.54 22.27
C GLY A 44 -14.95 -39.10 22.62
N ASP A 45 -13.68 -38.78 22.81
CA ASP A 45 -13.29 -37.43 23.21
C ASP A 45 -12.89 -36.52 22.03
N PHE A 46 -13.21 -36.93 20.81
CA PHE A 46 -12.89 -36.13 19.63
C PHE A 46 -13.56 -34.74 19.73
N LEU A 47 -12.85 -33.70 19.27
CA LEU A 47 -13.36 -32.33 19.34
C LEU A 47 -13.89 -31.86 18.00
N PHE A 48 -15.17 -31.49 17.95
CA PHE A 48 -15.76 -30.95 16.73
C PHE A 48 -16.04 -29.47 16.88
N GLY A 49 -15.70 -28.69 15.84
CA GLY A 49 -15.80 -27.24 15.89
C GLY A 49 -16.24 -26.60 14.57
N VAL A 50 -16.51 -25.29 14.63
CA VAL A 50 -16.75 -24.46 13.46
C VAL A 50 -15.79 -23.26 13.55
N ALA A 51 -15.40 -22.72 12.39
CA ALA A 51 -14.35 -21.71 12.36
C ALA A 51 -14.75 -20.43 11.62
N THR A 52 -14.30 -19.29 12.14
CA THR A 52 -14.47 -17.99 11.48
C THR A 52 -13.19 -17.16 11.58
N ALA A 53 -13.18 -15.95 10.98
CA ALA A 53 -12.09 -14.99 11.17
C ALA A 53 -12.66 -13.57 11.32
N SER A 54 -11.96 -12.74 12.09
CA SER A 54 -12.49 -11.43 12.50
C SER A 54 -12.95 -10.55 11.34
N PHE A 55 -12.07 -10.28 10.38
CA PHE A 55 -12.42 -9.37 9.29
C PHE A 55 -13.50 -9.95 8.40
N GLN A 56 -13.51 -11.28 8.28
CA GLN A 56 -14.45 -11.94 7.39
C GLN A 56 -15.90 -11.82 7.85
N ILE A 57 -16.12 -11.66 9.15
CA ILE A 57 -17.49 -11.70 9.68
C ILE A 57 -17.93 -10.52 10.57
N GLU A 58 -16.97 -9.78 11.14
CA GLU A 58 -17.30 -8.83 12.22
C GLU A 58 -18.07 -7.57 11.80
N GLY A 59 -17.67 -6.96 10.69
CA GLY A 59 -18.19 -5.65 10.32
C GLY A 59 -17.76 -4.62 11.36
N ALA A 60 -18.56 -3.58 11.55
CA ALA A 60 -18.30 -2.57 12.58
C ALA A 60 -16.83 -2.12 12.52
N THR A 61 -16.38 -1.74 11.31
CA THR A 61 -14.97 -1.43 11.07
C THR A 61 -14.49 -0.14 11.74
N LYS A 62 -15.43 0.76 12.04
CA LYS A 62 -15.08 2.06 12.58
C LYS A 62 -15.73 2.35 13.94
N VAL A 63 -16.23 1.31 14.60
CA VAL A 63 -16.82 1.47 15.92
C VAL A 63 -15.92 1.01 17.07
N ASP A 64 -16.15 1.59 18.25
CA ASP A 64 -15.41 1.24 19.48
C ASP A 64 -13.89 1.37 19.40
N GLY A 65 -13.40 2.26 18.53
CA GLY A 65 -11.98 2.57 18.51
C GLY A 65 -11.16 1.76 17.54
N ARG A 66 -11.81 0.98 16.67
CA ARG A 66 -11.09 0.24 15.63
C ARG A 66 -10.59 1.16 14.53
N LYS A 67 -9.27 1.09 14.28
CA LYS A 67 -8.65 1.80 13.18
C LYS A 67 -8.44 0.87 11.96
N PRO A 68 -8.07 1.44 10.80
CA PRO A 68 -8.08 0.59 9.60
C PRO A 68 -7.01 -0.52 9.59
N SER A 69 -7.33 -1.66 8.96
CA SER A 69 -6.37 -2.71 8.73
C SER A 69 -5.89 -2.63 7.30
N ILE A 70 -4.84 -3.39 6.97
CA ILE A 70 -4.35 -3.44 5.59
C ILE A 70 -5.39 -4.04 4.67
N TRP A 71 -6.35 -4.78 5.22
CA TRP A 71 -7.42 -5.30 4.37
C TRP A 71 -8.49 -4.25 4.07
N ASP A 72 -8.72 -3.33 5.00
CA ASP A 72 -9.62 -2.20 4.70
C ASP A 72 -9.03 -1.47 3.49
N ALA A 73 -7.73 -1.17 3.52
CA ALA A 73 -7.06 -0.50 2.41
C ALA A 73 -7.12 -1.30 1.09
N PHE A 74 -6.79 -2.59 1.17
CA PHE A 74 -6.77 -3.49 0.01
C PHE A 74 -8.16 -3.58 -0.64
N CYS A 75 -9.20 -3.71 0.18
CA CYS A 75 -10.58 -3.75 -0.33
C CYS A 75 -10.95 -2.46 -1.07
N ASN A 76 -10.67 -1.33 -0.44
CA ASN A 76 -11.16 -0.05 -0.93
C ASN A 76 -10.37 0.53 -2.10
N MET A 77 -9.25 -0.12 -2.44
CA MET A 77 -8.47 0.26 -3.62
C MET A 77 -8.87 -0.65 -4.77
N PRO A 78 -9.46 -0.06 -5.83
CA PRO A 78 -9.94 -0.80 -7.02
C PRO A 78 -8.87 -1.72 -7.61
N GLY A 79 -9.26 -2.93 -7.99
CA GLY A 79 -8.34 -3.89 -8.59
C GLY A 79 -7.92 -5.07 -7.71
N HIS A 80 -8.13 -4.96 -6.39
CA HIS A 80 -7.66 -6.03 -5.50
C HIS A 80 -8.77 -7.02 -5.07
N VAL A 81 -9.96 -6.52 -4.77
CA VAL A 81 -11.04 -7.38 -4.27
C VAL A 81 -12.27 -7.35 -5.19
N PHE A 82 -12.81 -8.54 -5.49
CA PHE A 82 -13.96 -8.66 -6.38
C PHE A 82 -15.05 -7.69 -5.98
N GLY A 83 -15.59 -6.96 -6.96
CA GLY A 83 -16.69 -6.06 -6.73
C GLY A 83 -16.33 -4.91 -5.81
N ARG A 84 -15.04 -4.77 -5.49
CA ARG A 84 -14.58 -3.80 -4.51
C ARG A 84 -15.30 -4.01 -3.18
N HIS A 85 -15.68 -5.26 -2.91
CA HIS A 85 -16.31 -5.61 -1.63
C HIS A 85 -15.39 -5.31 -0.43
N ASN A 86 -15.98 -5.00 0.72
CA ASN A 86 -15.19 -4.69 1.90
C ASN A 86 -15.80 -5.26 3.18
N GLY A 87 -15.12 -5.03 4.30
CA GLY A 87 -15.53 -5.66 5.54
C GLY A 87 -16.37 -4.77 6.40
N ASP A 88 -16.85 -3.65 5.84
CA ASP A 88 -17.59 -2.66 6.63
C ASP A 88 -18.79 -3.26 7.37
N VAL A 89 -19.60 -4.05 6.67
CA VAL A 89 -20.77 -4.68 7.30
C VAL A 89 -20.60 -6.18 7.52
N ALA A 90 -20.18 -6.91 6.48
CA ALA A 90 -19.96 -8.37 6.58
C ALA A 90 -21.19 -9.10 7.12
N CYS A 91 -20.98 -9.91 8.16
CA CYS A 91 -22.11 -10.61 8.77
C CYS A 91 -22.62 -9.86 10.00
N ASP A 92 -22.08 -8.67 10.25
CA ASP A 92 -22.49 -7.84 11.40
C ASP A 92 -22.35 -8.61 12.73
N HIS A 93 -21.40 -9.53 12.76
CA HIS A 93 -21.17 -10.39 13.92
C HIS A 93 -20.75 -9.63 15.18
N TYR A 94 -20.08 -8.50 15.02
CA TYR A 94 -19.76 -7.64 16.17
C TYR A 94 -21.00 -7.32 16.99
N ASN A 95 -22.15 -7.13 16.31
CA ASN A 95 -23.42 -6.84 16.98
C ASN A 95 -24.27 -8.08 17.29
N ARG A 96 -24.21 -9.07 16.42
CA ARG A 96 -25.12 -10.21 16.46
C ARG A 96 -24.50 -11.47 17.08
N TRP A 97 -23.39 -11.30 17.79
CA TRP A 97 -22.57 -12.43 18.24
C TRP A 97 -23.28 -13.40 19.16
N GLU A 98 -24.17 -12.88 20.01
CA GLU A 98 -24.95 -13.72 20.91
C GLU A 98 -25.80 -14.71 20.13
N ASP A 99 -26.49 -14.21 19.09
CA ASP A 99 -27.28 -15.08 18.21
C ASP A 99 -26.41 -16.17 17.62
N ASP A 100 -25.20 -15.79 17.18
CA ASP A 100 -24.30 -16.72 16.50
C ASP A 100 -23.82 -17.85 17.42
N LEU A 101 -23.48 -17.49 18.66
CA LEU A 101 -23.13 -18.46 19.70
C LEU A 101 -24.33 -19.34 20.07
N ASP A 102 -25.53 -18.73 20.11
CA ASP A 102 -26.77 -19.50 20.26
C ASP A 102 -26.91 -20.53 19.13
N LEU A 103 -26.49 -20.16 17.93
CA LEU A 103 -26.60 -21.07 16.79
C LEU A 103 -25.65 -22.25 16.96
N ILE A 104 -24.41 -21.97 17.34
CA ILE A 104 -23.42 -23.02 17.56
C ILE A 104 -23.92 -23.97 18.65
N LYS A 105 -24.64 -23.40 19.62
CA LYS A 105 -25.22 -24.16 20.72
C LYS A 105 -26.29 -25.12 20.20
N GLU A 106 -27.24 -24.60 19.42
CA GLU A 106 -28.26 -25.45 18.78
C GLU A 106 -27.65 -26.58 17.95
N MET A 107 -26.56 -26.30 17.24
CA MET A 107 -25.99 -27.28 16.34
C MET A 107 -25.29 -28.39 17.12
N GLY A 108 -25.04 -28.14 18.40
CA GLY A 108 -24.37 -29.10 19.26
C GLY A 108 -22.90 -29.26 18.89
N VAL A 109 -22.28 -28.15 18.50
CA VAL A 109 -20.86 -28.15 18.18
C VAL A 109 -20.04 -27.76 19.39
N GLU A 110 -19.10 -28.61 19.82
CA GLU A 110 -18.43 -28.36 21.10
C GLU A 110 -17.51 -27.14 21.09
N ALA A 111 -16.96 -26.80 19.93
CA ALA A 111 -15.88 -25.80 19.85
C ALA A 111 -16.08 -24.71 18.82
N TYR A 112 -15.54 -23.53 19.11
CA TYR A 112 -15.59 -22.40 18.18
C TYR A 112 -14.19 -21.87 17.97
N ARG A 113 -13.73 -21.89 16.72
CA ARG A 113 -12.46 -21.28 16.36
C ARG A 113 -12.75 -19.90 15.75
N PHE A 114 -12.17 -18.86 16.33
CA PHE A 114 -12.41 -17.48 15.90
C PHE A 114 -11.10 -16.68 15.98
N SER A 115 -11.01 -15.54 15.28
CA SER A 115 -9.81 -14.71 15.38
C SER A 115 -10.05 -13.39 16.12
N ILE A 116 -8.98 -12.81 16.64
CA ILE A 116 -9.08 -11.57 17.40
C ILE A 116 -8.50 -10.43 16.58
N ALA A 117 -9.23 -9.32 16.49
CA ALA A 117 -8.81 -8.21 15.64
C ALA A 117 -7.80 -7.29 16.33
N TRP A 118 -6.55 -7.39 15.89
CA TRP A 118 -5.49 -6.48 16.32
C TRP A 118 -5.89 -5.01 16.12
N PRO A 119 -6.56 -4.67 15.00
CA PRO A 119 -7.00 -3.27 14.90
C PRO A 119 -7.98 -2.84 15.98
N ARG A 120 -8.59 -3.79 16.70
CA ARG A 120 -9.47 -3.43 17.82
C ARG A 120 -8.72 -3.32 19.16
N ILE A 121 -7.68 -4.14 19.32
CA ILE A 121 -6.97 -4.23 20.61
C ILE A 121 -5.91 -3.14 20.73
N ILE A 122 -5.10 -3.00 19.68
CA ILE A 122 -4.10 -1.94 19.63
C ILE A 122 -4.19 -1.29 18.26
N PRO A 123 -5.14 -0.35 18.10
CA PRO A 123 -5.57 0.19 16.79
C PRO A 123 -4.42 0.71 15.93
N ASP A 124 -3.38 1.23 16.55
CA ASP A 124 -2.24 1.73 15.78
C ASP A 124 -1.11 0.68 15.59
N GLY A 125 -1.33 -0.53 16.08
CA GLY A 125 -0.31 -1.57 15.97
C GLY A 125 0.62 -1.53 17.18
N PHE A 126 1.47 -0.50 17.22
CA PHE A 126 2.10 -0.06 18.46
C PHE A 126 1.15 0.96 19.06
N GLY A 127 1.38 1.34 20.31
CA GLY A 127 0.63 2.44 20.91
C GLY A 127 -0.39 2.07 21.96
N PRO A 128 -1.36 2.96 22.20
CA PRO A 128 -2.33 2.78 23.28
C PRO A 128 -3.21 1.55 23.06
N ILE A 129 -3.54 0.86 24.16
CA ILE A 129 -4.46 -0.27 24.17
C ILE A 129 -5.92 0.20 24.14
N ASN A 130 -6.70 -0.34 23.22
CA ASN A 130 -8.11 0.02 23.17
C ASN A 130 -8.95 -0.88 24.08
N GLU A 131 -9.31 -0.34 25.24
CA GLU A 131 -10.01 -1.10 26.27
C GLU A 131 -11.35 -1.64 25.77
N LYS A 132 -12.01 -0.88 24.89
CA LYS A 132 -13.25 -1.34 24.28
C LYS A 132 -13.03 -2.53 23.36
N GLY A 133 -11.87 -2.59 22.71
CA GLY A 133 -11.54 -3.72 21.87
C GLY A 133 -11.48 -5.00 22.68
N LEU A 134 -10.62 -4.99 23.71
CA LEU A 134 -10.51 -6.11 24.64
C LEU A 134 -11.86 -6.48 25.27
N ASP A 135 -12.67 -5.48 25.57
CA ASP A 135 -13.99 -5.69 26.18
C ASP A 135 -14.85 -6.64 25.36
N PHE A 136 -14.92 -6.39 24.05
CA PHE A 136 -15.76 -7.20 23.18
C PHE A 136 -15.41 -8.71 23.20
N TYR A 137 -14.14 -9.04 23.05
CA TYR A 137 -13.74 -10.45 23.02
C TYR A 137 -13.84 -11.07 24.41
N ASP A 138 -13.71 -10.20 25.42
CA ASP A 138 -13.95 -10.57 26.80
C ASP A 138 -15.36 -11.14 26.93
N ARG A 139 -16.34 -10.36 26.46
CA ARG A 139 -17.74 -10.78 26.48
C ARG A 139 -17.95 -12.03 25.63
N LEU A 140 -17.35 -12.04 24.44
CA LEU A 140 -17.49 -13.18 23.53
C LEU A 140 -17.07 -14.47 24.23
N VAL A 141 -15.89 -14.45 24.84
CA VAL A 141 -15.37 -15.62 25.54
C VAL A 141 -16.26 -16.01 26.75
N ASP A 142 -16.73 -15.00 27.49
CA ASP A 142 -17.71 -15.24 28.55
C ASP A 142 -18.96 -15.92 27.98
N GLY A 143 -19.43 -15.43 26.84
CA GLY A 143 -20.60 -15.98 26.18
C GLY A 143 -20.44 -17.46 25.86
N CYS A 144 -19.27 -17.83 25.33
CA CYS A 144 -18.98 -19.23 25.02
C CYS A 144 -18.91 -20.08 26.29
N LYS A 145 -18.20 -19.57 27.30
CA LYS A 145 -18.06 -20.28 28.58
C LYS A 145 -19.42 -20.65 29.16
N ALA A 146 -20.33 -19.68 29.17
CA ALA A 146 -21.70 -19.90 29.64
C ALA A 146 -22.45 -20.99 28.86
N ARG A 147 -22.13 -21.14 27.56
CA ARG A 147 -22.84 -22.11 26.72
C ARG A 147 -22.10 -23.44 26.64
N GLY A 148 -20.97 -23.54 27.34
CA GLY A 148 -20.16 -24.73 27.27
C GLY A 148 -19.49 -24.89 25.91
N ILE A 149 -19.26 -23.77 25.23
CA ILE A 149 -18.54 -23.79 23.95
C ILE A 149 -17.04 -23.52 24.16
N LYS A 150 -16.21 -24.47 23.74
CA LYS A 150 -14.76 -24.32 23.84
C LYS A 150 -14.21 -23.23 22.90
N THR A 151 -13.20 -22.50 23.38
CA THR A 151 -12.66 -21.36 22.63
C THR A 151 -11.26 -21.62 22.07
N TYR A 152 -11.17 -21.64 20.74
CA TYR A 152 -9.87 -21.74 20.07
C TYR A 152 -9.61 -20.41 19.36
N ALA A 153 -8.77 -19.55 19.95
CA ALA A 153 -8.59 -18.21 19.40
C ALA A 153 -7.37 -18.15 18.49
N THR A 154 -7.48 -17.38 17.40
CA THR A 154 -6.31 -17.04 16.57
C THR A 154 -5.93 -15.58 16.79
N LEU A 155 -4.67 -15.32 17.16
CA LEU A 155 -4.22 -13.94 17.38
C LEU A 155 -4.14 -13.11 16.09
N TYR A 156 -3.56 -13.70 15.04
CA TYR A 156 -3.42 -13.00 13.76
C TYR A 156 -4.00 -13.81 12.61
N HIS A 157 -5.11 -13.33 12.06
CA HIS A 157 -5.70 -13.90 10.85
C HIS A 157 -5.81 -12.78 9.82
N TRP A 158 -4.68 -12.09 9.63
CA TRP A 158 -4.38 -11.24 8.46
C TRP A 158 -4.77 -9.77 8.55
N ASP A 159 -5.52 -9.36 9.57
CA ASP A 159 -5.92 -7.96 9.67
C ASP A 159 -4.88 -7.08 10.37
N LEU A 160 -3.72 -6.90 9.74
CA LEU A 160 -2.68 -6.06 10.33
C LEU A 160 -3.07 -4.58 10.33
N PRO A 161 -2.92 -3.92 11.49
CA PRO A 161 -3.16 -2.47 11.57
C PRO A 161 -2.40 -1.74 10.46
N LEU A 162 -3.12 -0.99 9.64
CA LEU A 162 -2.53 -0.28 8.52
C LEU A 162 -1.30 0.56 8.87
N THR A 163 -1.32 1.19 10.05
CA THR A 163 -0.25 2.09 10.46
C THR A 163 1.12 1.43 10.43
N LEU A 164 1.15 0.13 10.73
CA LEU A 164 2.40 -0.60 10.75
C LEU A 164 3.08 -0.68 9.37
N MET A 165 2.34 -0.37 8.31
CA MET A 165 2.93 -0.32 6.97
C MET A 165 3.92 0.85 6.83
N GLY A 166 3.74 1.89 7.66
CA GLY A 166 4.66 3.01 7.68
C GLY A 166 6.11 2.57 7.81
N ASP A 167 6.37 1.59 8.67
CA ASP A 167 7.75 1.11 8.90
C ASP A 167 8.12 0.01 7.91
N GLY A 168 7.15 -0.46 7.13
CA GLY A 168 7.41 -1.54 6.20
C GLY A 168 6.58 -2.78 6.49
N GLY A 169 5.67 -2.71 7.45
CA GLY A 169 4.83 -3.87 7.74
C GLY A 169 5.68 -5.09 8.05
N TRP A 170 5.25 -6.26 7.59
CA TRP A 170 5.97 -7.49 7.91
C TRP A 170 7.41 -7.53 7.40
N ALA A 171 7.75 -6.65 6.45
CA ALA A 171 9.15 -6.55 6.03
C ALA A 171 10.00 -5.86 7.10
N SER A 172 9.36 -5.31 8.12
CA SER A 172 10.12 -4.70 9.23
C SER A 172 10.06 -5.56 10.50
N ARG A 173 11.24 -5.82 11.05
CA ARG A 173 11.39 -6.65 12.24
C ARG A 173 10.63 -6.05 13.41
N SER A 174 10.49 -4.73 13.44
CA SER A 174 9.75 -4.05 14.51
C SER A 174 8.30 -4.50 14.60
N THR A 175 7.75 -4.96 13.47
CA THR A 175 6.36 -5.40 13.45
C THR A 175 6.18 -6.68 14.27
N ALA A 176 7.22 -7.52 14.29
CA ALA A 176 7.22 -8.69 15.15
C ALA A 176 7.11 -8.29 16.63
N HIS A 177 7.90 -7.29 17.03
CA HIS A 177 7.80 -6.79 18.41
C HIS A 177 6.43 -6.16 18.71
N ALA A 178 5.82 -5.50 17.73
CA ALA A 178 4.47 -5.00 17.93
C ALA A 178 3.51 -6.17 18.18
N PHE A 179 3.68 -7.25 17.42
CA PHE A 179 2.84 -8.43 17.61
C PHE A 179 3.02 -9.03 18.99
N GLN A 180 4.28 -9.11 19.41
CA GLN A 180 4.69 -9.63 20.72
C GLN A 180 3.86 -9.01 21.84
N ARG A 181 3.88 -7.68 21.86
CA ARG A 181 3.15 -6.89 22.84
C ARG A 181 1.64 -7.09 22.70
N TYR A 182 1.17 -7.17 21.45
CA TYR A 182 -0.26 -7.40 21.22
C TYR A 182 -0.70 -8.76 21.79
N ALA A 183 0.14 -9.78 21.63
CA ALA A 183 -0.19 -11.13 22.11
C ALA A 183 -0.24 -11.17 23.64
N LYS A 184 0.78 -10.59 24.26
CA LYS A 184 0.88 -10.51 25.71
C LYS A 184 -0.34 -9.79 26.29
N THR A 185 -0.82 -8.79 25.56
CA THR A 185 -1.99 -8.01 25.96
C THR A 185 -3.28 -8.86 25.93
N VAL A 186 -3.50 -9.56 24.81
CA VAL A 186 -4.71 -10.37 24.67
C VAL A 186 -4.75 -11.51 25.70
N MET A 187 -3.65 -12.26 25.77
CA MET A 187 -3.58 -13.40 26.67
C MET A 187 -3.68 -13.03 28.16
N ALA A 188 -3.18 -11.85 28.55
CA ALA A 188 -3.34 -11.37 29.92
C ALA A 188 -4.82 -11.24 30.29
N ARG A 189 -5.63 -10.80 29.34
CA ARG A 189 -7.06 -10.64 29.55
C ARG A 189 -7.89 -11.93 29.45
N LEU A 190 -7.56 -12.78 28.47
CA LEU A 190 -8.43 -13.92 28.15
C LEU A 190 -7.87 -15.27 28.61
N GLY A 191 -6.62 -15.26 29.09
CA GLY A 191 -5.90 -16.49 29.41
C GLY A 191 -6.55 -17.39 30.46
N ASP A 192 -7.38 -16.81 31.32
CA ASP A 192 -8.01 -17.61 32.36
C ASP A 192 -9.22 -18.40 31.85
N ARG A 193 -9.69 -18.09 30.64
CA ARG A 193 -10.85 -18.80 30.09
C ARG A 193 -10.61 -19.52 28.75
N LEU A 194 -9.67 -19.00 27.95
CA LEU A 194 -9.40 -19.60 26.64
C LEU A 194 -9.01 -21.07 26.74
N ASP A 195 -9.66 -21.92 25.95
CA ASP A 195 -9.30 -23.34 25.93
C ASP A 195 -8.01 -23.59 25.15
N ALA A 196 -7.72 -22.74 24.16
CA ALA A 196 -6.52 -22.88 23.31
C ALA A 196 -6.24 -21.61 22.53
N VAL A 197 -4.97 -21.37 22.19
CA VAL A 197 -4.61 -20.21 21.37
C VAL A 197 -3.65 -20.61 20.23
N ALA A 198 -3.88 -20.04 19.05
CA ALA A 198 -2.90 -20.10 17.95
C ALA A 198 -2.33 -18.70 17.68
N THR A 199 -1.02 -18.60 17.50
CA THR A 199 -0.39 -17.32 17.16
C THR A 199 -0.86 -16.78 15.81
N PHE A 200 -0.58 -17.53 14.75
CA PHE A 200 -0.87 -17.10 13.39
C PHE A 200 -1.74 -18.10 12.65
N ASN A 201 -2.55 -17.58 11.71
CA ASN A 201 -3.24 -18.41 10.73
C ASN A 201 -2.48 -18.31 9.41
N GLU A 202 -1.96 -19.44 8.93
CA GLU A 202 -1.41 -19.54 7.57
C GLU A 202 -0.33 -18.53 7.16
N PRO A 203 0.89 -18.69 7.72
CA PRO A 203 2.01 -17.84 7.29
C PRO A 203 2.18 -17.86 5.77
N TRP A 204 1.88 -18.99 5.12
CA TRP A 204 1.99 -19.09 3.65
C TRP A 204 1.25 -17.96 2.95
N CYS A 205 0.04 -17.67 3.43
CA CYS A 205 -0.76 -16.61 2.84
C CYS A 205 -0.22 -15.22 3.19
N ALA A 206 -0.02 -14.97 4.48
CA ALA A 206 0.51 -13.69 4.96
C ALA A 206 1.87 -13.40 4.33
N VAL A 207 2.64 -14.47 4.05
CA VAL A 207 3.97 -14.31 3.49
C VAL A 207 3.97 -14.31 1.95
N TRP A 208 3.88 -15.48 1.33
CA TRP A 208 4.04 -15.55 -0.12
C TRP A 208 2.87 -14.92 -0.88
N LEU A 209 1.63 -15.21 -0.47
CA LEU A 209 0.47 -14.78 -1.26
C LEU A 209 0.27 -13.28 -1.16
N SER A 210 0.80 -12.70 -0.08
CA SER A 210 0.66 -11.26 0.20
C SER A 210 1.87 -10.43 -0.19
N HIS A 211 3.05 -11.04 -0.29
CA HIS A 211 4.26 -10.25 -0.55
C HIS A 211 5.00 -10.73 -1.81
N LEU A 212 4.65 -11.91 -2.30
CA LEU A 212 5.31 -12.44 -3.49
C LEU A 212 4.36 -12.51 -4.69
N TYR A 213 3.13 -12.96 -4.45
CA TYR A 213 2.15 -13.15 -5.52
C TYR A 213 1.16 -11.97 -5.66
N GLY A 214 1.26 -11.01 -4.73
CA GLY A 214 0.39 -9.84 -4.77
C GLY A 214 -1.10 -10.05 -4.71
N ILE A 215 -1.54 -11.26 -4.31
CA ILE A 215 -2.98 -11.58 -4.29
C ILE A 215 -3.69 -11.19 -2.99
N HIS A 216 -2.97 -11.26 -1.86
CA HIS A 216 -3.53 -10.81 -0.58
C HIS A 216 -2.80 -9.55 -0.10
N ALA A 217 -3.41 -8.83 0.85
CA ALA A 217 -2.86 -7.58 1.37
C ALA A 217 -1.53 -7.84 2.05
N PRO A 218 -0.54 -6.93 1.92
CA PRO A 218 -0.59 -5.59 1.29
C PRO A 218 -0.43 -5.58 -0.23
N GLY A 219 -0.46 -6.75 -0.86
CA GLY A 219 -0.44 -6.84 -2.31
C GLY A 219 0.89 -6.61 -2.99
N GLU A 220 1.99 -7.08 -2.39
CA GLU A 220 3.31 -6.91 -2.98
C GLU A 220 3.75 -8.11 -3.81
N ARG A 221 4.69 -7.88 -4.72
CA ARG A 221 5.23 -8.94 -5.58
C ARG A 221 6.74 -8.80 -5.65
N ASN A 222 7.40 -9.02 -4.51
CA ASN A 222 8.84 -8.79 -4.41
C ASN A 222 9.46 -9.82 -3.47
N MET A 223 10.44 -10.56 -3.96
CA MET A 223 11.04 -11.68 -3.23
C MET A 223 11.73 -11.26 -1.94
N GLU A 224 12.41 -10.11 -2.00
CA GLU A 224 13.12 -9.55 -0.85
C GLU A 224 12.13 -9.16 0.25
N ALA A 225 11.02 -8.54 -0.15
CA ALA A 225 9.98 -8.19 0.80
C ALA A 225 9.38 -9.46 1.41
N ALA A 226 9.18 -10.48 0.57
CA ALA A 226 8.55 -11.72 1.03
C ALA A 226 9.44 -12.49 2.02
N LEU A 227 10.72 -12.61 1.67
CA LEU A 227 11.70 -13.22 2.57
C LEU A 227 11.75 -12.50 3.92
N ALA A 228 11.65 -11.17 3.92
CA ALA A 228 11.63 -10.39 5.17
C ALA A 228 10.39 -10.74 5.98
N ALA A 229 9.25 -10.74 5.29
CA ALA A 229 7.99 -11.13 5.91
C ALA A 229 8.08 -12.55 6.45
N MET A 230 8.71 -13.43 5.68
CA MET A 230 8.84 -14.84 6.07
C MET A 230 9.49 -14.91 7.46
N HIS A 231 10.71 -14.40 7.58
CA HIS A 231 11.43 -14.54 8.84
C HIS A 231 10.72 -13.83 9.97
N HIS A 232 10.21 -12.62 9.70
CA HIS A 232 9.61 -11.83 10.78
C HIS A 232 8.30 -12.41 11.29
N ILE A 233 7.58 -13.11 10.43
CA ILE A 233 6.36 -13.80 10.89
C ILE A 233 6.73 -15.04 11.71
N ASN A 234 7.75 -15.78 11.28
CA ASN A 234 8.26 -16.88 12.10
C ASN A 234 8.70 -16.35 13.46
N LEU A 235 9.39 -15.20 13.44
CA LEU A 235 9.87 -14.59 14.67
C LEU A 235 8.71 -14.17 15.55
N ALA A 236 7.77 -13.45 14.96
CA ALA A 236 6.60 -13.00 15.71
C ALA A 236 5.85 -14.17 16.35
N HIS A 237 5.72 -15.27 15.62
CA HIS A 237 5.14 -16.48 16.22
C HIS A 237 5.89 -16.84 17.51
N GLY A 238 7.21 -16.93 17.44
CA GLY A 238 8.04 -17.26 18.61
C GLY A 238 7.83 -16.28 19.76
N PHE A 239 7.83 -14.98 19.45
CA PHE A 239 7.58 -13.96 20.47
C PHE A 239 6.21 -14.19 21.07
N GLY A 240 5.28 -14.62 20.23
CA GLY A 240 3.91 -14.85 20.66
C GLY A 240 3.82 -16.00 21.65
N VAL A 241 4.51 -17.10 21.35
CA VAL A 241 4.58 -18.24 22.26
C VAL A 241 5.09 -17.84 23.65
N GLU A 242 6.23 -17.18 23.68
CA GLU A 242 6.82 -16.69 24.92
C GLU A 242 5.84 -15.83 25.71
N ALA A 243 5.18 -14.91 25.03
CA ALA A 243 4.25 -13.98 25.67
C ALA A 243 3.05 -14.70 26.29
N SER A 244 2.42 -15.58 25.53
CA SER A 244 1.30 -16.37 26.03
C SER A 244 1.69 -17.11 27.31
N ARG A 245 2.83 -17.81 27.27
CA ARG A 245 3.23 -18.67 28.37
C ARG A 245 3.63 -17.87 29.60
N HIS A 246 4.00 -16.61 29.39
CA HIS A 246 4.44 -15.76 30.49
C HIS A 246 3.25 -15.20 31.27
N VAL A 247 2.11 -15.02 30.61
CA VAL A 247 0.94 -14.44 31.27
C VAL A 247 -0.24 -15.40 31.33
N ALA A 248 -0.14 -16.54 30.64
CA ALA A 248 -1.23 -17.51 30.64
C ALA A 248 -0.72 -18.93 30.36
N PRO A 249 0.22 -19.42 31.19
CA PRO A 249 0.95 -20.66 30.92
C PRO A 249 0.05 -21.89 30.86
N LYS A 250 -1.18 -21.73 31.34
CA LYS A 250 -2.17 -22.80 31.33
C LYS A 250 -2.74 -23.08 29.93
N VAL A 251 -2.81 -22.05 29.09
CA VAL A 251 -3.40 -22.20 27.75
C VAL A 251 -2.45 -22.86 26.77
N PRO A 252 -2.90 -23.99 26.17
CA PRO A 252 -2.17 -24.71 25.13
C PRO A 252 -1.95 -23.81 23.90
N VAL A 253 -0.70 -23.59 23.52
CA VAL A 253 -0.34 -22.71 22.41
C VAL A 253 -0.03 -23.46 21.11
N GLY A 254 -0.59 -22.97 20.00
CA GLY A 254 -0.36 -23.58 18.71
C GLY A 254 -0.02 -22.60 17.60
N LEU A 255 0.03 -23.13 16.38
CA LEU A 255 0.27 -22.36 15.17
C LEU A 255 -0.57 -23.02 14.09
N VAL A 256 -1.28 -22.25 13.27
CA VAL A 256 -2.10 -22.86 12.21
C VAL A 256 -1.46 -22.73 10.83
N LEU A 257 -1.29 -23.86 10.13
CA LEU A 257 -0.62 -23.82 8.83
C LEU A 257 -1.41 -24.49 7.71
N ASN A 258 -1.57 -23.80 6.58
CA ASN A 258 -1.98 -24.50 5.36
C ASN A 258 -0.77 -25.20 4.76
N ALA A 259 -0.37 -26.32 5.36
CA ALA A 259 0.65 -27.17 4.77
C ALA A 259 0.07 -27.71 3.47
N HIS A 260 0.83 -27.55 2.38
CA HIS A 260 0.36 -27.95 1.06
C HIS A 260 0.71 -29.40 0.79
N SER A 261 -0.28 -30.19 0.39
CA SER A 261 -0.03 -31.57 0.01
C SER A 261 0.57 -31.55 -1.40
N VAL A 262 1.90 -31.61 -1.47
CA VAL A 262 2.59 -31.46 -2.74
C VAL A 262 2.62 -32.77 -3.54
N ILE A 263 2.04 -32.77 -4.74
CA ILE A 263 1.98 -33.98 -5.57
C ILE A 263 2.60 -33.71 -6.94
N PRO A 264 3.67 -34.45 -7.27
CA PRO A 264 4.29 -34.28 -8.59
C PRO A 264 3.36 -34.65 -9.75
N ALA A 265 3.52 -33.99 -10.89
CA ALA A 265 2.74 -34.29 -12.09
C ALA A 265 3.08 -35.68 -12.66
N SER A 266 4.36 -36.04 -12.63
CA SER A 266 4.81 -37.34 -13.11
C SER A 266 5.86 -37.91 -12.17
N ASN A 267 6.24 -39.17 -12.39
CA ASN A 267 7.29 -39.78 -11.58
C ASN A 267 8.68 -39.56 -12.18
N SER A 268 8.76 -38.69 -13.18
CA SER A 268 10.04 -38.34 -13.79
C SER A 268 10.97 -37.78 -12.75
N ASP A 269 12.27 -37.91 -12.98
CA ASP A 269 13.26 -37.40 -12.04
C ASP A 269 13.04 -35.90 -11.80
N ALA A 270 12.82 -35.15 -12.88
CA ALA A 270 12.62 -33.72 -12.78
C ALA A 270 11.41 -33.33 -11.91
N ASP A 271 10.30 -34.05 -12.08
CA ASP A 271 9.08 -33.73 -11.34
C ASP A 271 9.20 -34.08 -9.84
N MET A 272 9.89 -35.17 -9.54
CA MET A 272 10.11 -35.56 -8.14
C MET A 272 10.98 -34.52 -7.42
N LYS A 273 12.04 -34.07 -8.09
CA LYS A 273 12.92 -33.05 -7.55
C LYS A 273 12.13 -31.75 -7.37
N ALA A 274 11.25 -31.48 -8.34
CA ALA A 274 10.41 -30.29 -8.31
C ALA A 274 9.48 -30.28 -7.09
N ALA A 275 8.90 -31.44 -6.79
CA ALA A 275 7.98 -31.55 -5.66
C ALA A 275 8.70 -31.34 -4.33
N GLU A 276 9.93 -31.82 -4.24
CA GLU A 276 10.72 -31.61 -3.03
C GLU A 276 11.05 -30.13 -2.80
N ARG A 277 11.43 -29.42 -3.87
CA ARG A 277 11.73 -28.00 -3.76
C ARG A 277 10.48 -27.22 -3.41
N ALA A 278 9.36 -27.58 -4.04
CA ALA A 278 8.10 -26.93 -3.74
C ALA A 278 7.77 -27.15 -2.27
N PHE A 279 8.03 -28.36 -1.77
CA PHE A 279 7.81 -28.64 -0.36
C PHE A 279 8.66 -27.71 0.53
N GLN A 280 9.95 -27.62 0.24
CA GLN A 280 10.80 -26.74 1.04
C GLN A 280 10.32 -25.28 1.03
N PHE A 281 9.92 -24.80 -0.14
CA PHE A 281 9.52 -23.39 -0.27
C PHE A 281 8.15 -23.09 0.32
N HIS A 282 7.16 -23.92 0.01
CA HIS A 282 5.79 -23.65 0.43
C HIS A 282 5.47 -24.15 1.85
N ASN A 283 6.25 -25.12 2.33
CA ASN A 283 6.01 -25.74 3.62
C ASN A 283 7.20 -25.57 4.58
N GLY A 284 8.37 -25.99 4.12
CA GLY A 284 9.58 -25.95 4.93
C GLY A 284 9.97 -24.57 5.44
N ALA A 285 9.64 -23.54 4.68
CA ALA A 285 9.95 -22.16 5.07
C ALA A 285 9.35 -21.82 6.44
N PHE A 286 8.31 -22.58 6.82
CA PHE A 286 7.65 -22.38 8.09
C PHE A 286 7.85 -23.58 9.02
N PHE A 287 7.63 -24.78 8.49
CA PHE A 287 7.76 -25.98 9.33
C PHE A 287 9.17 -26.23 9.88
N ASP A 288 10.19 -26.09 9.04
CA ASP A 288 11.56 -26.32 9.54
C ASP A 288 12.01 -25.33 10.64
N PRO A 289 11.81 -24.01 10.45
CA PRO A 289 12.19 -23.13 11.57
C PRO A 289 11.41 -23.45 12.85
N VAL A 290 10.09 -23.61 12.75
CA VAL A 290 9.26 -23.84 13.93
C VAL A 290 9.53 -25.19 14.60
N PHE A 291 9.73 -26.24 13.79
CA PHE A 291 9.86 -27.59 14.35
C PHE A 291 11.26 -28.20 14.28
N LYS A 292 12.18 -27.54 13.59
CA LYS A 292 13.56 -28.05 13.50
C LYS A 292 14.59 -26.97 13.84
N GLY A 293 14.15 -25.72 13.99
CA GLY A 293 15.05 -24.64 14.34
C GLY A 293 16.08 -24.34 13.26
N GLU A 294 15.66 -24.45 12.00
CA GLU A 294 16.53 -24.17 10.85
C GLU A 294 15.69 -23.92 9.60
N TYR A 295 16.27 -23.23 8.60
CA TYR A 295 15.57 -23.08 7.33
C TYR A 295 15.99 -24.21 6.40
N PRO A 296 15.17 -24.54 5.38
CA PRO A 296 15.54 -25.66 4.50
C PRO A 296 16.83 -25.33 3.75
N ALA A 297 17.75 -26.29 3.64
CA ALA A 297 19.10 -26.00 3.17
C ALA A 297 19.15 -25.53 1.71
N GLU A 298 18.45 -26.24 0.83
CA GLU A 298 18.44 -25.88 -0.57
C GLU A 298 17.77 -24.53 -0.80
N MET A 299 16.81 -24.19 0.05
CA MET A 299 16.16 -22.88 -0.04
C MET A 299 17.14 -21.77 0.31
N ILE A 300 17.92 -21.96 1.36
CA ILE A 300 18.93 -20.99 1.79
C ILE A 300 19.96 -20.79 0.68
N GLU A 301 20.28 -21.87 -0.03
CA GLU A 301 21.27 -21.81 -1.10
C GLU A 301 20.82 -20.85 -2.20
N ALA A 302 19.54 -20.95 -2.54
CA ALA A 302 18.99 -20.17 -3.65
C ALA A 302 18.55 -18.77 -3.22
N LEU A 303 18.09 -18.62 -1.98
CA LEU A 303 17.41 -17.38 -1.56
C LEU A 303 18.02 -16.72 -0.31
N GLY A 304 18.94 -17.41 0.35
CA GLY A 304 19.54 -16.94 1.59
C GLY A 304 20.12 -15.54 1.55
N SER A 305 20.83 -15.20 0.48
CA SER A 305 21.50 -13.89 0.39
C SER A 305 20.51 -12.73 0.46
N ARG A 306 19.24 -13.02 0.17
CA ARG A 306 18.23 -11.97 0.11
C ARG A 306 17.33 -11.87 1.35
N MET A 307 17.57 -12.74 2.35
CA MET A 307 16.81 -12.72 3.60
C MET A 307 17.30 -11.54 4.46
N PRO A 308 16.45 -11.06 5.39
CA PRO A 308 16.90 -10.06 6.36
C PRO A 308 17.84 -10.71 7.35
N VAL A 309 18.43 -9.92 8.25
CA VAL A 309 19.32 -10.49 9.24
C VAL A 309 18.57 -11.55 10.06
N VAL A 310 19.21 -12.70 10.24
CA VAL A 310 18.75 -13.67 11.23
C VAL A 310 19.66 -13.53 12.46
N GLU A 311 19.10 -13.08 13.59
CA GLU A 311 19.89 -12.87 14.80
C GLU A 311 20.17 -14.17 15.55
N ALA A 312 21.24 -14.16 16.35
CA ALA A 312 21.78 -15.37 16.99
C ALA A 312 20.69 -16.23 17.64
N GLU A 313 19.76 -15.55 18.31
CA GLU A 313 18.72 -16.22 19.08
C GLU A 313 17.39 -16.44 18.33
N ASP A 314 17.29 -15.98 17.09
CA ASP A 314 16.01 -16.08 16.37
C ASP A 314 15.45 -17.50 16.27
N LEU A 315 16.21 -18.40 15.64
CA LEU A 315 15.73 -19.77 15.41
C LEU A 315 15.36 -20.52 16.69
N SER A 316 16.09 -20.30 17.77
CA SER A 316 15.76 -20.98 19.02
C SER A 316 14.45 -20.42 19.61
N ILE A 317 14.17 -19.14 19.34
CA ILE A 317 12.89 -18.53 19.74
C ILE A 317 11.73 -19.01 18.86
N ILE A 318 11.98 -19.05 17.56
CA ILE A 318 11.02 -19.56 16.59
C ILE A 318 10.67 -21.03 16.91
N SER A 319 11.66 -21.81 17.33
CA SER A 319 11.46 -23.26 17.49
C SER A 319 11.03 -23.73 18.87
N GLN A 320 10.48 -22.84 19.69
CA GLN A 320 9.93 -23.25 20.99
C GLN A 320 8.90 -24.36 20.83
N LYS A 321 8.85 -25.28 21.80
CA LYS A 321 7.89 -26.38 21.74
C LYS A 321 6.45 -25.89 21.85
N LEU A 322 5.60 -26.41 20.97
CA LEU A 322 4.17 -26.06 20.98
C LEU A 322 3.34 -27.19 21.55
N ASP A 323 2.20 -26.87 22.12
CA ASP A 323 1.35 -27.89 22.72
C ASP A 323 0.44 -28.55 21.70
N TRP A 324 0.19 -27.84 20.60
CA TRP A 324 -0.66 -28.38 19.54
C TRP A 324 -0.38 -27.61 18.26
N TRP A 325 -0.81 -28.15 17.12
CA TRP A 325 -0.71 -27.40 15.86
C TRP A 325 -1.96 -27.59 15.02
N GLY A 326 -2.22 -26.63 14.13
CA GLY A 326 -3.43 -26.62 13.34
C GLY A 326 -3.15 -26.82 11.87
N LEU A 327 -3.87 -27.76 11.26
CA LEU A 327 -3.76 -28.01 9.82
C LEU A 327 -4.98 -27.44 9.08
N ASN A 328 -4.73 -26.60 8.08
CA ASN A 328 -5.80 -26.17 7.17
C ASN A 328 -5.61 -26.86 5.83
N TYR A 329 -6.66 -27.53 5.33
CA TYR A 329 -6.54 -28.25 4.06
C TYR A 329 -7.82 -28.15 3.23
N TYR A 330 -7.65 -28.01 1.92
CA TYR A 330 -8.78 -27.95 1.01
C TYR A 330 -8.54 -28.81 -0.23
N THR A 331 -7.33 -28.73 -0.77
CA THR A 331 -7.04 -29.24 -2.11
C THR A 331 -5.54 -29.47 -2.26
N PRO A 332 -5.14 -30.46 -3.07
CA PRO A 332 -3.72 -30.77 -3.28
C PRO A 332 -2.96 -29.66 -4.01
N MET A 333 -1.63 -29.67 -3.92
CA MET A 333 -0.81 -28.76 -4.74
C MET A 333 -0.02 -29.58 -5.75
N ARG A 334 -0.58 -29.72 -6.95
CA ARG A 334 0.06 -30.55 -7.98
C ARG A 334 1.08 -29.71 -8.71
N VAL A 335 2.33 -30.16 -8.73
CA VAL A 335 3.37 -29.37 -9.37
C VAL A 335 4.13 -30.17 -10.43
N ALA A 336 4.59 -29.44 -11.44
CA ALA A 336 5.55 -29.99 -12.39
C ALA A 336 6.79 -29.11 -12.38
N ASP A 337 7.90 -29.66 -12.87
CA ASP A 337 9.11 -28.89 -13.01
C ASP A 337 8.90 -27.73 -13.98
N ASP A 338 9.60 -26.63 -13.75
CA ASP A 338 9.64 -25.52 -14.71
C ASP A 338 11.10 -25.22 -15.08
N ALA A 339 11.52 -25.66 -16.26
CA ALA A 339 12.89 -25.52 -16.71
C ALA A 339 13.16 -24.18 -17.43
N THR A 340 12.14 -23.32 -17.44
CA THR A 340 12.23 -21.98 -18.00
C THR A 340 13.53 -21.28 -17.55
N GLU A 341 14.15 -20.54 -18.45
CA GLU A 341 15.46 -19.94 -18.19
C GLU A 341 15.39 -18.83 -17.14
N GLY A 342 16.13 -19.02 -16.05
CA GLY A 342 16.08 -18.09 -14.93
C GLY A 342 14.74 -18.15 -14.21
N ALA A 343 14.37 -19.34 -13.74
CA ALA A 343 13.17 -19.46 -12.92
C ALA A 343 13.59 -19.41 -11.46
N GLU A 344 12.93 -18.59 -10.67
CA GLU A 344 13.23 -18.49 -9.25
C GLU A 344 12.89 -19.79 -8.52
N PHE A 345 13.70 -20.14 -7.51
CA PHE A 345 13.37 -21.24 -6.61
C PHE A 345 11.91 -21.04 -6.16
N PRO A 346 11.13 -22.12 -6.11
CA PRO A 346 11.54 -23.51 -6.37
C PRO A 346 11.37 -23.97 -7.83
N ALA A 347 11.14 -23.05 -8.75
CA ALA A 347 11.05 -23.38 -10.17
C ALA A 347 10.07 -24.52 -10.47
N THR A 348 8.79 -24.27 -10.19
CA THR A 348 7.74 -25.25 -10.45
C THR A 348 6.58 -24.53 -11.11
N LYS A 349 5.65 -25.30 -11.68
CA LYS A 349 4.42 -24.72 -12.19
C LYS A 349 3.27 -25.64 -11.85
N GLN A 350 2.06 -25.10 -11.96
CA GLN A 350 0.85 -25.84 -11.65
C GLN A 350 0.62 -26.99 -12.63
N ALA A 351 0.52 -28.20 -12.12
CA ALA A 351 0.12 -29.37 -12.90
C ALA A 351 -1.41 -29.44 -12.92
N PRO A 352 -1.98 -30.11 -13.94
CA PRO A 352 -3.44 -30.18 -14.03
C PRO A 352 -4.10 -31.04 -12.94
N ALA A 353 -5.37 -30.74 -12.64
CA ALA A 353 -6.17 -31.55 -11.73
C ALA A 353 -6.24 -33.01 -12.18
N VAL A 354 -6.45 -33.92 -11.23
CA VAL A 354 -6.59 -35.35 -11.54
C VAL A 354 -8.06 -35.75 -11.38
N SER A 355 -8.68 -35.30 -10.30
CA SER A 355 -10.12 -35.45 -10.14
C SER A 355 -10.84 -34.51 -11.08
N ASP A 356 -12.06 -34.88 -11.47
CA ASP A 356 -12.87 -34.05 -12.33
C ASP A 356 -13.67 -33.08 -11.44
N VAL A 357 -13.84 -33.46 -10.18
CA VAL A 357 -14.69 -32.72 -9.23
C VAL A 357 -14.03 -31.43 -8.76
N LYS A 358 -14.76 -30.32 -8.86
CA LYS A 358 -14.29 -29.00 -8.42
C LYS A 358 -15.33 -28.27 -7.60
N THR A 359 -14.88 -27.40 -6.70
CA THR A 359 -15.81 -26.56 -5.93
C THR A 359 -16.17 -25.34 -6.75
N ASP A 360 -17.07 -24.50 -6.23
CA ASP A 360 -17.53 -23.32 -6.96
C ASP A 360 -16.44 -22.24 -7.11
N ILE A 361 -15.42 -22.30 -6.26
CA ILE A 361 -14.26 -21.43 -6.38
C ILE A 361 -13.21 -22.03 -7.31
N GLY A 362 -13.46 -23.27 -7.76
CA GLY A 362 -12.59 -23.91 -8.73
C GLY A 362 -11.50 -24.85 -8.21
N TRP A 363 -11.52 -25.15 -6.90
CA TRP A 363 -10.46 -26.02 -6.35
C TRP A 363 -10.82 -27.49 -6.52
N GLU A 364 -9.84 -28.26 -6.99
CA GLU A 364 -9.97 -29.71 -7.11
C GLU A 364 -10.38 -30.34 -5.77
N VAL A 365 -11.29 -31.31 -5.84
CA VAL A 365 -11.70 -32.07 -4.67
C VAL A 365 -10.98 -33.42 -4.74
N TYR A 366 -10.09 -33.68 -3.79
CA TYR A 366 -9.33 -34.93 -3.79
C TYR A 366 -8.87 -35.30 -2.37
N ALA A 367 -9.78 -35.94 -1.64
CA ALA A 367 -9.56 -36.30 -0.23
C ALA A 367 -8.27 -37.07 0.13
N PRO A 368 -7.81 -38.00 -0.73
CA PRO A 368 -6.65 -38.77 -0.25
C PRO A 368 -5.36 -37.94 -0.10
N ALA A 369 -5.31 -36.74 -0.67
CA ALA A 369 -4.14 -35.90 -0.51
C ALA A 369 -4.00 -35.48 0.95
N LEU A 370 -5.13 -35.35 1.63
CA LEU A 370 -5.09 -35.09 3.05
C LEU A 370 -4.34 -36.21 3.81
N HIS A 371 -4.62 -37.46 3.47
CA HIS A 371 -3.98 -38.58 4.16
C HIS A 371 -2.46 -38.57 4.01
N SER A 372 -1.99 -38.50 2.76
CA SER A 372 -0.57 -38.51 2.48
C SER A 372 0.16 -37.25 3.01
N LEU A 373 -0.53 -36.12 3.04
CA LEU A 373 0.02 -34.92 3.67
C LEU A 373 0.37 -35.16 5.13
N VAL A 374 -0.60 -35.62 5.92
CA VAL A 374 -0.35 -35.83 7.34
C VAL A 374 0.76 -36.87 7.58
N GLU A 375 0.77 -37.94 6.77
CA GLU A 375 1.82 -38.95 6.85
C GLU A 375 3.19 -38.32 6.65
N THR A 376 3.33 -37.57 5.56
CA THR A 376 4.62 -36.95 5.25
C THR A 376 5.07 -36.06 6.40
N LEU A 377 4.14 -35.30 6.96
CA LEU A 377 4.49 -34.33 7.99
C LEU A 377 4.98 -35.01 9.28
N TYR A 378 4.32 -36.10 9.66
CA TYR A 378 4.70 -36.80 10.90
C TYR A 378 5.92 -37.68 10.73
N GLU A 379 6.29 -37.91 9.48
CA GLU A 379 7.54 -38.58 9.18
C GLU A 379 8.68 -37.57 9.17
N ARG A 380 8.38 -36.35 8.77
CA ARG A 380 9.44 -35.39 8.52
C ARG A 380 9.69 -34.49 9.74
N TYR A 381 8.68 -34.30 10.58
CA TYR A 381 8.80 -33.41 11.73
C TYR A 381 8.34 -34.06 13.03
N GLU A 382 8.94 -33.65 14.13
CA GLU A 382 8.41 -33.96 15.45
C GLU A 382 7.27 -32.97 15.74
N LEU A 383 6.04 -33.43 15.58
CA LEU A 383 4.87 -32.55 15.75
C LEU A 383 4.06 -32.93 16.99
N PRO A 384 3.38 -31.95 17.60
CA PRO A 384 2.47 -32.20 18.71
C PRO A 384 1.12 -32.69 18.21
N ASP A 385 0.11 -32.72 19.09
CA ASP A 385 -1.25 -33.09 18.71
C ASP A 385 -1.75 -32.24 17.55
N CYS A 386 -2.48 -32.86 16.62
CA CYS A 386 -3.00 -32.13 15.46
C CYS A 386 -4.50 -31.87 15.52
N TYR A 387 -4.90 -30.63 15.28
CA TYR A 387 -6.30 -30.32 15.02
C TYR A 387 -6.42 -29.87 13.58
N ILE A 388 -7.38 -30.47 12.86
CA ILE A 388 -7.75 -29.95 11.56
C ILE A 388 -8.51 -28.66 11.85
N THR A 389 -7.84 -27.52 11.68
CA THR A 389 -8.42 -26.22 12.03
C THR A 389 -9.25 -25.59 10.92
N GLU A 390 -9.06 -26.03 9.67
CA GLU A 390 -9.94 -25.62 8.57
C GLU A 390 -10.08 -26.72 7.53
N ASN A 391 -11.33 -27.04 7.19
CA ASN A 391 -11.65 -27.95 6.10
C ASN A 391 -13.08 -27.59 5.66
N GLY A 392 -13.28 -27.49 4.35
CA GLY A 392 -14.57 -27.04 3.82
C GLY A 392 -14.56 -26.84 2.32
N ALA A 393 -15.67 -26.35 1.78
CA ALA A 393 -15.78 -26.19 0.33
C ALA A 393 -16.66 -25.02 -0.04
N CYS A 394 -16.35 -24.43 -1.19
CA CYS A 394 -17.15 -23.32 -1.70
C CYS A 394 -18.26 -23.85 -2.61
N TYR A 395 -19.50 -23.59 -2.20
CA TYR A 395 -20.67 -23.93 -3.00
C TYR A 395 -21.72 -22.85 -2.79
N ASN A 396 -22.16 -22.24 -3.89
CA ASN A 396 -22.89 -20.99 -3.79
C ASN A 396 -24.41 -21.05 -3.87
N MET A 397 -25.00 -22.22 -3.60
CA MET A 397 -26.47 -22.29 -3.55
C MET A 397 -27.04 -21.49 -2.37
N GLY A 398 -28.19 -20.85 -2.62
CA GLY A 398 -28.87 -20.04 -1.63
C GLY A 398 -30.12 -20.70 -1.05
N VAL A 399 -31.02 -19.85 -0.57
CA VAL A 399 -32.24 -20.34 0.09
C VAL A 399 -33.42 -20.50 -0.86
N GLU A 400 -33.82 -21.75 -1.09
CA GLU A 400 -35.05 -22.06 -1.81
C GLU A 400 -35.88 -22.93 -0.90
N ASN A 401 -37.10 -22.49 -0.63
CA ASN A 401 -38.05 -23.19 0.25
C ASN A 401 -37.59 -23.30 1.70
N GLY A 402 -37.01 -22.23 2.22
CA GLY A 402 -36.56 -22.18 3.60
C GLY A 402 -35.48 -23.20 3.95
N GLU A 403 -34.84 -23.76 2.93
CA GLU A 403 -33.73 -24.70 3.11
C GLU A 403 -32.62 -24.47 2.09
N VAL A 404 -31.39 -24.80 2.46
CA VAL A 404 -30.25 -24.69 1.53
C VAL A 404 -29.77 -26.07 1.10
N ASP A 405 -29.97 -26.35 -0.19
CA ASP A 405 -29.69 -27.66 -0.78
C ASP A 405 -28.24 -27.75 -1.26
N ASP A 406 -27.32 -28.06 -0.34
CA ASP A 406 -25.89 -28.08 -0.68
C ASP A 406 -25.22 -29.46 -0.54
N GLN A 407 -25.81 -30.47 -1.19
CA GLN A 407 -25.29 -31.84 -1.16
C GLN A 407 -23.80 -31.97 -1.54
N PRO A 408 -23.32 -31.21 -2.55
CA PRO A 408 -21.88 -31.31 -2.82
C PRO A 408 -20.99 -30.87 -1.64
N ARG A 409 -21.48 -29.96 -0.80
CA ARG A 409 -20.72 -29.59 0.41
C ARG A 409 -20.78 -30.72 1.45
N LEU A 410 -21.96 -31.34 1.59
CA LEU A 410 -22.13 -32.45 2.53
C LEU A 410 -21.22 -33.59 2.11
N ASP A 411 -21.24 -33.88 0.80
CA ASP A 411 -20.34 -34.88 0.25
C ASP A 411 -18.91 -34.60 0.68
N TYR A 412 -18.45 -33.37 0.46
CA TYR A 412 -17.07 -32.99 0.78
C TYR A 412 -16.69 -33.32 2.21
N TYR A 413 -17.55 -32.95 3.16
CA TYR A 413 -17.26 -33.18 4.57
C TYR A 413 -17.23 -34.67 4.90
N ALA A 414 -18.13 -35.44 4.29
CA ALA A 414 -18.16 -36.88 4.52
C ALA A 414 -16.83 -37.47 4.08
N GLU A 415 -16.45 -37.17 2.85
CA GLU A 415 -15.27 -37.74 2.23
C GLU A 415 -13.98 -37.39 3.01
N HIS A 416 -13.90 -36.15 3.49
CA HIS A 416 -12.68 -35.68 4.18
C HIS A 416 -12.62 -36.13 5.64
N LEU A 417 -13.74 -36.05 6.33
CA LEU A 417 -13.85 -36.64 7.66
C LEU A 417 -13.52 -38.14 7.61
N GLY A 418 -13.89 -38.80 6.51
CA GLY A 418 -13.51 -40.18 6.31
C GLY A 418 -12.01 -40.35 6.43
N ILE A 419 -11.27 -39.46 5.76
CA ILE A 419 -9.82 -39.52 5.80
C ILE A 419 -9.29 -39.25 7.21
N VAL A 420 -9.85 -38.25 7.89
CA VAL A 420 -9.46 -37.95 9.26
C VAL A 420 -9.65 -39.16 10.18
N ALA A 421 -10.78 -39.86 10.03
CA ALA A 421 -11.00 -41.09 10.80
C ALA A 421 -9.93 -42.15 10.47
N ASP A 422 -9.60 -42.30 9.18
CA ASP A 422 -8.52 -43.19 8.77
C ASP A 422 -7.18 -42.85 9.43
N LEU A 423 -6.92 -41.55 9.59
CA LEU A 423 -5.68 -41.12 10.21
C LEU A 423 -5.69 -41.49 11.69
N VAL A 424 -6.84 -41.33 12.34
CA VAL A 424 -7.02 -41.72 13.74
C VAL A 424 -6.78 -43.22 13.92
N LYS A 425 -7.37 -44.03 13.03
CA LYS A 425 -7.16 -45.47 13.06
C LYS A 425 -5.68 -45.85 12.91
N ASP A 426 -4.97 -45.12 12.05
CA ASP A 426 -3.59 -45.46 11.76
C ASP A 426 -2.62 -44.95 12.81
N GLY A 427 -3.15 -44.35 13.88
CA GLY A 427 -2.35 -43.93 15.02
C GLY A 427 -1.89 -42.48 15.10
N TYR A 428 -2.27 -41.66 14.12
CA TYR A 428 -1.88 -40.25 14.17
C TYR A 428 -2.68 -39.49 15.25
N PRO A 429 -2.05 -38.51 15.91
CA PRO A 429 -2.69 -37.85 17.06
C PRO A 429 -3.62 -36.73 16.59
N MET A 430 -4.61 -37.12 15.81
CA MET A 430 -5.65 -36.20 15.34
C MET A 430 -6.67 -36.06 16.44
N ARG A 431 -6.73 -34.89 17.07
CA ARG A 431 -7.56 -34.72 18.25
C ARG A 431 -8.87 -33.98 18.00
N GLY A 432 -9.02 -33.40 16.81
CA GLY A 432 -10.17 -32.55 16.55
C GLY A 432 -10.27 -32.09 15.11
N TYR A 433 -11.40 -31.42 14.81
CA TYR A 433 -11.72 -31.00 13.44
C TYR A 433 -12.67 -29.79 13.49
N PHE A 434 -12.25 -28.70 12.82
CA PHE A 434 -13.09 -27.51 12.71
C PHE A 434 -13.49 -27.27 11.26
N ALA A 435 -14.80 -27.43 11.03
CA ALA A 435 -15.38 -27.29 9.72
C ALA A 435 -15.15 -25.87 9.23
N TRP A 436 -14.49 -25.55 8.12
CA TRP A 436 -14.30 -24.10 7.76
C TRP A 436 -15.46 -23.53 7.18
N SER A 437 -15.67 -22.44 7.91
CA SER A 437 -16.80 -21.51 7.86
C SER A 437 -18.17 -21.83 8.48
N LEU A 438 -18.32 -21.51 9.77
CA LEU A 438 -19.61 -21.50 10.46
C LEU A 438 -20.69 -20.92 9.57
N MET A 439 -20.36 -19.82 8.92
CA MET A 439 -21.33 -19.11 8.07
C MET A 439 -20.65 -18.48 6.86
N ASP A 440 -21.43 -18.20 5.82
CA ASP A 440 -20.91 -17.51 4.65
C ASP A 440 -20.32 -16.16 5.11
N ASN A 441 -19.25 -15.71 4.48
CA ASN A 441 -18.60 -14.49 4.94
C ASN A 441 -17.80 -13.78 3.85
N PHE A 442 -17.00 -12.79 4.23
CA PHE A 442 -16.14 -12.13 3.26
C PHE A 442 -14.94 -13.02 2.93
N GLU A 443 -14.89 -13.51 1.69
CA GLU A 443 -13.85 -14.45 1.24
C GLU A 443 -12.68 -13.74 0.53
N TRP A 444 -12.07 -12.79 1.25
CA TRP A 444 -10.84 -12.12 0.82
C TRP A 444 -10.91 -11.57 -0.62
N ALA A 445 -9.97 -11.96 -1.48
CA ALA A 445 -9.95 -11.41 -2.85
C ALA A 445 -11.25 -11.70 -3.61
N GLU A 446 -11.97 -12.74 -3.19
CA GLU A 446 -13.19 -13.15 -3.88
C GLU A 446 -14.43 -12.39 -3.40
N GLY A 447 -14.27 -11.47 -2.46
CA GLY A 447 -15.41 -10.74 -1.94
C GLY A 447 -16.48 -11.65 -1.33
N TYR A 448 -17.74 -11.23 -1.40
CA TYR A 448 -18.82 -12.04 -0.84
C TYR A 448 -19.35 -13.09 -1.80
N ARG A 449 -18.80 -13.10 -3.01
CA ARG A 449 -19.22 -14.03 -4.07
C ARG A 449 -19.12 -15.50 -3.66
N MET A 450 -18.09 -15.85 -2.90
CA MET A 450 -17.78 -17.26 -2.66
C MET A 450 -18.19 -17.71 -1.26
N ARG A 451 -19.25 -18.52 -1.18
CA ARG A 451 -19.77 -18.99 0.12
C ARG A 451 -19.10 -20.29 0.58
N PHE A 452 -18.72 -20.35 1.85
CA PHE A 452 -18.00 -21.49 2.41
C PHE A 452 -18.73 -22.00 3.65
N GLY A 453 -19.83 -21.33 3.99
CA GLY A 453 -20.47 -21.58 5.27
C GLY A 453 -21.31 -22.85 5.35
N LEU A 454 -21.44 -23.37 6.57
CA LEU A 454 -22.41 -24.40 6.89
C LEU A 454 -23.75 -23.71 7.13
N VAL A 455 -23.70 -22.40 7.32
CA VAL A 455 -24.88 -21.60 7.55
C VAL A 455 -24.95 -20.46 6.53
N HIS A 456 -26.05 -20.40 5.79
CA HIS A 456 -26.24 -19.35 4.78
C HIS A 456 -26.54 -18.01 5.42
N VAL A 457 -25.99 -16.96 4.84
CA VAL A 457 -26.28 -15.63 5.31
C VAL A 457 -26.83 -14.82 4.16
N ASP A 458 -28.03 -14.27 4.36
CA ASP A 458 -28.55 -13.26 3.45
C ASP A 458 -27.95 -11.91 3.87
N TYR A 459 -27.13 -11.33 2.99
CA TYR A 459 -26.38 -10.12 3.32
C TYR A 459 -27.24 -8.87 3.33
N GLU A 460 -28.49 -9.02 2.93
CA GLU A 460 -29.38 -7.86 2.88
C GLU A 460 -30.29 -7.83 4.10
N THR A 461 -30.44 -8.98 4.75
CA THR A 461 -31.29 -9.10 5.93
C THR A 461 -30.52 -9.59 7.16
N GLN A 462 -29.31 -10.12 6.92
CA GLN A 462 -28.48 -10.70 7.98
C GLN A 462 -29.08 -11.97 8.59
N VAL A 463 -30.09 -12.54 7.93
CA VAL A 463 -30.72 -13.78 8.37
C VAL A 463 -29.80 -15.01 8.19
N ARG A 464 -29.63 -15.79 9.26
CA ARG A 464 -28.88 -17.03 9.20
C ARG A 464 -29.80 -18.22 8.89
N THR A 465 -29.46 -18.99 7.84
CA THR A 465 -30.21 -20.20 7.52
C THR A 465 -29.31 -21.44 7.47
N LEU A 466 -29.42 -22.31 8.48
CA LEU A 466 -28.59 -23.51 8.53
C LEU A 466 -28.76 -24.34 7.26
N LYS A 467 -27.67 -24.55 6.52
CA LYS A 467 -27.74 -25.33 5.29
C LYS A 467 -27.94 -26.82 5.61
N ASN A 468 -28.27 -27.61 4.60
CA ASN A 468 -28.40 -29.06 4.81
C ASN A 468 -27.09 -29.73 5.24
N SER A 469 -25.97 -29.32 4.63
CA SER A 469 -24.67 -29.80 5.08
C SER A 469 -24.48 -29.50 6.56
N GLY A 470 -24.99 -28.35 7.00
CA GLY A 470 -24.90 -27.96 8.40
C GLY A 470 -25.77 -28.80 9.32
N LYS A 471 -26.96 -29.19 8.85
CA LYS A 471 -27.81 -30.10 9.60
C LYS A 471 -27.07 -31.41 9.84
N TRP A 472 -26.44 -31.90 8.79
CA TRP A 472 -25.66 -33.12 8.81
C TRP A 472 -24.49 -33.03 9.79
N TYR A 473 -23.68 -31.97 9.65
CA TYR A 473 -22.54 -31.77 10.54
C TYR A 473 -23.01 -31.67 12.00
N SER A 474 -24.15 -31.03 12.20
CA SER A 474 -24.73 -30.95 13.53
C SER A 474 -25.10 -32.33 14.06
N ALA A 475 -25.68 -33.15 13.20
CA ALA A 475 -26.05 -34.52 13.60
C ALA A 475 -24.83 -35.35 13.97
N LEU A 476 -23.71 -35.10 13.28
CA LEU A 476 -22.44 -35.76 13.60
C LEU A 476 -21.84 -35.23 14.90
N ALA A 477 -21.76 -33.92 15.04
CA ALA A 477 -21.03 -33.30 16.15
C ALA A 477 -21.75 -33.46 17.50
N SER A 478 -23.08 -33.44 17.46
CA SER A 478 -23.92 -33.57 18.66
C SER A 478 -23.63 -34.79 19.53
N GLY A 479 -23.25 -35.89 18.89
CA GLY A 479 -22.98 -37.14 19.58
C GLY A 479 -21.66 -37.13 20.32
N PHE A 480 -20.97 -35.99 20.28
CA PHE A 480 -19.66 -35.85 20.94
C PHE A 480 -19.70 -34.71 21.94
N PRO A 481 -19.06 -34.88 23.11
CA PRO A 481 -18.32 -36.09 23.52
C PRO A 481 -19.26 -37.27 23.81
N LYS A 482 -18.71 -38.47 23.81
CA LYS A 482 -19.48 -39.69 24.07
C LYS A 482 -19.14 -40.25 25.45
N THR B 33 26.87 31.79 -21.43
CA THR B 33 26.43 31.84 -20.11
C THR B 33 26.79 33.14 -19.44
N ASP B 34 26.94 34.30 -20.14
CA ASP B 34 27.29 35.46 -19.35
C ASP B 34 26.06 35.91 -18.58
N HIS B 35 26.17 35.92 -17.25
CA HIS B 35 25.01 36.17 -16.40
C HIS B 35 24.52 37.62 -16.45
N LYS B 36 25.42 38.54 -16.77
CA LYS B 36 25.07 39.95 -16.88
C LYS B 36 24.22 40.19 -18.14
N ALA B 37 24.63 39.58 -19.25
CA ALA B 37 23.89 39.73 -20.50
C ALA B 37 22.53 39.04 -20.38
N LEU B 38 22.51 37.89 -19.72
CA LEU B 38 21.28 37.13 -19.50
C LEU B 38 20.33 37.88 -18.56
N ALA B 39 20.89 38.51 -17.53
CA ALA B 39 20.10 39.29 -16.58
C ALA B 39 19.33 40.41 -17.29
N ALA B 40 19.99 41.03 -18.26
CA ALA B 40 19.40 42.15 -19.01
C ALA B 40 18.21 41.73 -19.86
N ARG B 41 18.13 40.43 -20.17
CA ARG B 41 17.01 39.94 -20.96
C ARG B 41 15.73 39.84 -20.13
N PHE B 42 15.82 40.05 -18.82
CA PHE B 42 14.65 39.91 -17.94
C PHE B 42 14.14 41.25 -17.39
N PRO B 43 12.82 41.36 -17.16
CA PRO B 43 12.28 42.59 -16.56
C PRO B 43 12.77 42.76 -15.13
N GLY B 44 12.74 43.99 -14.62
CA GLY B 44 13.35 44.30 -13.34
C GLY B 44 12.60 43.71 -12.16
N ASP B 45 11.32 43.42 -12.35
CA ASP B 45 10.50 42.83 -11.31
C ASP B 45 10.34 41.31 -11.48
N PHE B 46 11.24 40.69 -12.23
CA PHE B 46 11.15 39.24 -12.46
C PHE B 46 11.53 38.50 -11.17
N LEU B 47 10.82 37.42 -10.90
CA LEU B 47 10.98 36.69 -9.64
C LEU B 47 11.91 35.47 -9.78
N PHE B 48 13.05 35.49 -9.09
CA PHE B 48 13.90 34.30 -9.03
C PHE B 48 13.76 33.60 -7.70
N GLY B 49 13.67 32.26 -7.75
CA GLY B 49 13.47 31.46 -6.55
C GLY B 49 14.23 30.14 -6.56
N VAL B 50 14.16 29.43 -5.43
CA VAL B 50 14.65 28.05 -5.34
C VAL B 50 13.53 27.21 -4.73
N ALA B 51 13.50 25.92 -5.06
CA ALA B 51 12.34 25.10 -4.75
C ALA B 51 12.71 23.81 -4.04
N THR B 52 11.75 23.30 -3.27
CA THR B 52 11.99 22.24 -2.31
C THR B 52 10.63 21.53 -2.05
N ALA B 53 10.65 20.35 -1.44
CA ALA B 53 9.40 19.65 -1.06
C ALA B 53 9.57 19.03 0.32
N SER B 54 8.49 18.96 1.10
CA SER B 54 8.59 18.58 2.52
C SER B 54 9.29 17.26 2.77
N PHE B 55 8.84 16.19 2.12
CA PHE B 55 9.37 14.86 2.41
C PHE B 55 10.78 14.68 1.87
N GLN B 56 11.13 15.47 0.87
CA GLN B 56 12.44 15.33 0.25
C GLN B 56 13.55 15.92 1.11
N ILE B 57 13.20 16.86 1.99
CA ILE B 57 14.25 17.54 2.76
C ILE B 57 14.16 17.49 4.29
N GLU B 58 12.96 17.29 4.83
CA GLU B 58 12.72 17.61 6.25
C GLU B 58 13.33 16.64 7.27
N GLY B 59 13.22 15.33 7.01
CA GLY B 59 13.60 14.36 8.02
C GLY B 59 12.61 14.44 9.17
N ALA B 60 13.06 14.11 10.38
CA ALA B 60 12.22 14.18 11.57
C ALA B 60 10.86 13.59 11.30
N THR B 61 10.83 12.37 10.76
CA THR B 61 9.57 11.77 10.33
C THR B 61 8.66 11.33 11.47
N LYS B 62 9.21 11.22 12.68
CA LYS B 62 8.41 10.74 13.81
C LYS B 62 8.41 11.73 14.98
N VAL B 63 8.66 12.99 14.66
CA VAL B 63 8.83 14.03 15.67
C VAL B 63 7.61 14.95 15.68
N ASP B 64 7.25 15.43 16.87
CA ASP B 64 6.21 16.44 17.04
C ASP B 64 4.85 16.04 16.50
N GLY B 65 4.51 14.76 16.64
CA GLY B 65 3.16 14.30 16.30
C GLY B 65 2.95 13.81 14.87
N ARG B 66 3.98 13.87 14.04
CA ARG B 66 3.84 13.44 12.64
C ARG B 66 3.59 11.95 12.55
N LYS B 67 2.53 11.56 11.84
CA LYS B 67 2.28 10.16 11.50
C LYS B 67 2.79 9.84 10.09
N PRO B 68 2.94 8.55 9.75
CA PRO B 68 3.52 8.12 8.47
C PRO B 68 2.74 8.60 7.25
N SER B 69 3.45 8.86 6.14
CA SER B 69 2.82 9.18 4.88
C SER B 69 2.90 7.96 4.00
N ILE B 70 2.21 7.96 2.87
CA ILE B 70 2.30 6.82 1.97
C ILE B 70 3.73 6.62 1.48
N TRP B 71 4.51 7.70 1.43
CA TRP B 71 5.93 7.60 1.04
C TRP B 71 6.85 6.99 2.12
N ASP B 72 6.48 7.10 3.39
CA ASP B 72 7.22 6.36 4.42
C ASP B 72 7.00 4.87 4.18
N ALA B 73 5.76 4.47 3.91
CA ALA B 73 5.41 3.07 3.65
C ALA B 73 6.10 2.58 2.39
N PHE B 74 6.05 3.42 1.36
CA PHE B 74 6.63 3.11 0.06
C PHE B 74 8.13 2.86 0.17
N CYS B 75 8.82 3.75 0.88
CA CYS B 75 10.28 3.67 1.00
C CYS B 75 10.69 2.41 1.74
N ASN B 76 9.94 2.08 2.79
CA ASN B 76 10.36 1.09 3.75
C ASN B 76 10.00 -0.35 3.37
N MET B 77 9.23 -0.51 2.29
CA MET B 77 8.91 -1.83 1.71
C MET B 77 9.87 -2.11 0.55
N PRO B 78 10.70 -3.17 0.64
CA PRO B 78 11.70 -3.43 -0.41
C PRO B 78 11.13 -3.51 -1.83
N GLY B 79 11.91 -3.04 -2.80
CA GLY B 79 11.53 -3.08 -4.20
C GLY B 79 11.01 -1.75 -4.77
N HIS B 80 10.64 -0.78 -3.92
CA HIS B 80 10.06 0.47 -4.44
C HIS B 80 11.07 1.60 -4.64
N VAL B 81 12.04 1.71 -3.74
CA VAL B 81 12.99 2.81 -3.78
C VAL B 81 14.43 2.30 -3.76
N PHE B 82 15.28 2.86 -4.62
CA PHE B 82 16.70 2.49 -4.68
C PHE B 82 17.35 2.42 -3.30
N GLY B 83 18.03 1.30 -3.03
CA GLY B 83 18.72 1.11 -1.75
C GLY B 83 17.79 1.03 -0.55
N ARG B 84 16.50 1.00 -0.75
CA ARG B 84 15.51 1.09 0.30
C ARG B 84 15.69 2.46 1.07
N HIS B 85 16.23 3.47 0.39
CA HIS B 85 16.38 4.80 1.02
C HIS B 85 15.05 5.34 1.53
N ASN B 86 15.04 5.97 2.70
CA ASN B 86 13.82 6.58 3.20
C ASN B 86 14.00 8.05 3.59
N GLY B 87 12.94 8.69 4.10
CA GLY B 87 13.00 10.11 4.38
C GLY B 87 13.40 10.48 5.80
N ASP B 88 13.83 9.49 6.60
CA ASP B 88 14.09 9.71 8.03
C ASP B 88 15.11 10.82 8.29
N VAL B 89 16.21 10.80 7.54
CA VAL B 89 17.28 11.77 7.73
C VAL B 89 17.14 12.90 6.71
N ALA B 90 17.17 12.52 5.43
CA ALA B 90 17.07 13.50 4.35
C ALA B 90 18.11 14.59 4.57
N CYS B 91 17.68 15.85 4.51
CA CYS B 91 18.61 16.96 4.72
C CYS B 91 18.46 17.56 6.12
N ASP B 92 17.76 16.85 7.01
CA ASP B 92 17.57 17.32 8.39
C ASP B 92 17.04 18.76 8.43
N HIS B 93 16.22 19.14 7.44
CA HIS B 93 15.76 20.53 7.32
C HIS B 93 14.87 20.95 8.49
N TYR B 94 14.08 20.01 9.00
CA TYR B 94 13.22 20.29 10.14
C TYR B 94 14.03 20.89 11.28
N ASN B 95 15.29 20.47 11.41
CA ASN B 95 16.13 21.00 12.47
C ASN B 95 16.98 22.18 12.01
N ARG B 96 17.36 22.20 10.73
CA ARG B 96 18.34 23.17 10.25
C ARG B 96 17.75 24.29 9.40
N TRP B 97 16.43 24.49 9.48
CA TRP B 97 15.74 25.39 8.55
C TRP B 97 16.21 26.84 8.58
N GLU B 98 16.57 27.34 9.76
CA GLU B 98 17.03 28.74 9.83
C GLU B 98 18.32 28.92 9.05
N ASP B 99 19.21 27.93 9.15
CA ASP B 99 20.48 27.97 8.42
C ASP B 99 20.22 27.90 6.92
N ASP B 100 19.24 27.12 6.51
CA ASP B 100 18.91 27.01 5.10
C ASP B 100 18.28 28.31 4.61
N LEU B 101 17.45 28.92 5.43
CA LEU B 101 16.92 30.25 5.09
C LEU B 101 18.02 31.30 5.00
N ASP B 102 18.94 31.32 5.97
CA ASP B 102 20.08 32.24 5.90
C ASP B 102 20.79 31.99 4.58
N LEU B 103 20.86 30.72 4.18
CA LEU B 103 21.58 30.36 2.96
C LEU B 103 20.92 31.00 1.73
N ILE B 104 19.59 30.91 1.68
CA ILE B 104 18.83 31.51 0.58
C ILE B 104 19.09 33.02 0.52
N LYS B 105 18.95 33.68 1.67
CA LYS B 105 19.23 35.11 1.79
C LYS B 105 20.62 35.46 1.27
N GLU B 106 21.65 34.77 1.78
CA GLU B 106 23.01 35.02 1.35
C GLU B 106 23.20 34.82 -0.16
N MET B 107 22.43 33.90 -0.75
CA MET B 107 22.49 33.67 -2.21
C MET B 107 21.90 34.84 -3.00
N GLY B 108 21.08 35.66 -2.34
CA GLY B 108 20.42 36.78 -3.00
C GLY B 108 19.18 36.39 -3.78
N VAL B 109 18.69 35.16 -3.53
CA VAL B 109 17.49 34.64 -4.17
C VAL B 109 16.26 35.18 -3.44
N GLU B 110 15.35 35.82 -4.17
CA GLU B 110 14.23 36.52 -3.55
C GLU B 110 13.12 35.60 -3.04
N ALA B 111 12.88 34.48 -3.74
CA ALA B 111 11.73 33.63 -3.40
C ALA B 111 12.10 32.20 -3.01
N TYR B 112 11.28 31.58 -2.16
CA TYR B 112 11.46 30.20 -1.73
C TYR B 112 10.17 29.42 -1.94
N ARG B 113 10.23 28.39 -2.80
CA ARG B 113 9.09 27.48 -2.98
C ARG B 113 9.29 26.18 -2.16
N PHE B 114 8.31 25.87 -1.32
CA PHE B 114 8.40 24.70 -0.43
C PHE B 114 7.03 24.05 -0.29
N SER B 115 6.96 22.84 0.26
CA SER B 115 5.65 22.22 0.47
C SER B 115 5.40 22.07 1.95
N ILE B 116 4.12 21.92 2.30
CA ILE B 116 3.69 21.71 3.68
C ILE B 116 3.33 20.23 3.87
N ALA B 117 3.83 19.62 4.94
CA ALA B 117 3.57 18.20 5.20
C ALA B 117 2.21 18.01 5.85
N TRP B 118 1.23 17.57 5.06
CA TRP B 118 -0.05 17.13 5.59
C TRP B 118 0.12 16.13 6.76
N PRO B 119 1.07 15.18 6.68
CA PRO B 119 1.20 14.27 7.83
C PRO B 119 1.61 14.97 9.13
N ARG B 120 2.25 16.14 9.06
CA ARG B 120 2.49 16.95 10.27
C ARG B 120 1.28 17.78 10.74
N ILE B 121 0.35 18.12 9.83
CA ILE B 121 -0.72 19.08 10.15
C ILE B 121 -2.02 18.38 10.63
N ILE B 122 -2.44 17.38 9.87
CA ILE B 122 -3.58 16.53 10.24
C ILE B 122 -3.11 15.09 10.04
N PRO B 123 -2.40 14.54 11.04
CA PRO B 123 -1.61 13.32 10.87
C PRO B 123 -2.38 12.10 10.39
N ASP B 124 -3.68 12.01 10.69
CA ASP B 124 -4.44 10.87 10.20
C ASP B 124 -5.18 11.16 8.90
N GLY B 125 -5.02 12.38 8.38
CA GLY B 125 -5.68 12.76 7.15
C GLY B 125 -6.94 13.53 7.48
N PHE B 126 -7.91 12.80 8.05
CA PHE B 126 -8.97 13.43 8.82
C PHE B 126 -8.47 13.36 10.28
N GLY B 127 -9.33 13.72 11.23
CA GLY B 127 -8.97 13.63 12.63
C GLY B 127 -8.49 14.96 13.18
N PRO B 128 -7.95 14.94 14.40
CA PRO B 128 -7.53 16.17 15.10
C PRO B 128 -6.35 16.90 14.43
N ILE B 129 -6.39 18.23 14.44
CA ILE B 129 -5.31 19.07 13.94
C ILE B 129 -4.12 18.99 14.89
N ASN B 130 -2.90 18.93 14.35
CA ASN B 130 -1.69 18.93 15.18
C ASN B 130 -1.02 20.31 15.25
N GLU B 131 -1.19 21.01 16.37
CA GLU B 131 -0.67 22.36 16.56
C GLU B 131 0.85 22.50 16.42
N LYS B 132 1.58 21.54 16.97
CA LYS B 132 3.04 21.52 16.81
C LYS B 132 3.44 21.54 15.34
N GLY B 133 2.70 20.80 14.52
CA GLY B 133 2.91 20.80 13.07
C GLY B 133 2.72 22.17 12.47
N LEU B 134 1.54 22.75 12.69
CA LEU B 134 1.26 24.13 12.24
C LEU B 134 2.31 25.13 12.68
N ASP B 135 2.75 25.04 13.94
CA ASP B 135 3.73 25.99 14.50
C ASP B 135 5.02 26.04 13.69
N PHE B 136 5.44 24.88 13.20
CA PHE B 136 6.72 24.78 12.51
C PHE B 136 6.71 25.62 11.24
N TYR B 137 5.62 25.49 10.47
CA TYR B 137 5.47 26.24 9.22
C TYR B 137 5.19 27.72 9.51
N ASP B 138 4.40 27.97 10.54
CA ASP B 138 4.20 29.33 11.06
C ASP B 138 5.55 30.00 11.36
N ARG B 139 6.40 29.32 12.11
CA ARG B 139 7.74 29.86 12.40
C ARG B 139 8.64 29.92 11.16
N LEU B 140 8.48 28.94 10.25
CA LEU B 140 9.22 28.97 8.99
C LEU B 140 8.81 30.20 8.18
N VAL B 141 7.51 30.41 8.03
CA VAL B 141 7.00 31.54 7.27
C VAL B 141 7.44 32.86 7.91
N ASP B 142 7.42 32.92 9.24
CA ASP B 142 7.93 34.12 9.90
C ASP B 142 9.40 34.33 9.59
N GLY B 143 10.15 33.24 9.49
CA GLY B 143 11.57 33.34 9.20
C GLY B 143 11.84 33.86 7.81
N CYS B 144 10.97 33.49 6.86
CA CYS B 144 11.06 34.00 5.50
C CYS B 144 10.77 35.51 5.47
N LYS B 145 9.68 35.92 6.10
CA LYS B 145 9.35 37.34 6.24
C LYS B 145 10.52 38.15 6.81
N ALA B 146 11.03 37.78 7.99
CA ALA B 146 12.13 38.51 8.61
C ALA B 146 13.33 38.65 7.66
N ARG B 147 13.53 37.68 6.78
CA ARG B 147 14.69 37.75 5.88
C ARG B 147 14.38 38.38 4.53
N GLY B 148 13.13 38.76 4.32
CA GLY B 148 12.71 39.31 3.04
C GLY B 148 12.55 38.26 1.95
N ILE B 149 12.35 37.01 2.35
CA ILE B 149 12.21 35.90 1.39
C ILE B 149 10.73 35.66 1.05
N LYS B 150 10.35 35.79 -0.21
CA LYS B 150 8.96 35.56 -0.60
C LYS B 150 8.59 34.06 -0.57
N THR B 151 7.38 33.78 -0.09
CA THR B 151 6.94 32.41 0.16
C THR B 151 5.92 31.93 -0.87
N TYR B 152 6.22 30.81 -1.50
CA TYR B 152 5.33 30.18 -2.46
C TYR B 152 5.12 28.74 -2.01
N ALA B 153 4.08 28.53 -1.21
CA ALA B 153 3.84 27.24 -0.56
C ALA B 153 3.06 26.30 -1.44
N THR B 154 3.42 25.02 -1.41
CA THR B 154 2.63 23.97 -2.07
C THR B 154 1.90 23.17 -0.99
N LEU B 155 0.58 23.12 -1.02
CA LEU B 155 -0.18 22.39 0.01
C LEU B 155 0.07 20.89 -0.02
N TYR B 156 0.11 20.31 -1.23
CA TYR B 156 0.28 18.88 -1.40
C TYR B 156 1.38 18.54 -2.38
N HIS B 157 2.48 18.00 -1.87
CA HIS B 157 3.55 17.56 -2.76
C HIS B 157 3.82 16.09 -2.42
N TRP B 158 2.74 15.30 -2.44
CA TRP B 158 2.78 13.81 -2.52
C TRP B 158 2.79 13.05 -1.20
N ASP B 159 2.98 13.75 -0.09
CA ASP B 159 3.04 13.05 1.18
C ASP B 159 1.68 12.88 1.83
N LEU B 160 0.86 12.02 1.24
CA LEU B 160 -0.47 11.69 1.77
C LEU B 160 -0.37 10.91 3.08
N PRO B 161 -1.12 11.35 4.10
CA PRO B 161 -1.17 10.59 5.35
C PRO B 161 -1.61 9.16 5.10
N LEU B 162 -0.80 8.20 5.55
CA LEU B 162 -1.02 6.78 5.25
C LEU B 162 -2.42 6.30 5.64
N THR B 163 -2.92 6.78 6.77
CA THR B 163 -4.22 6.36 7.28
C THR B 163 -5.33 6.51 6.24
N LEU B 164 -5.24 7.54 5.41
CA LEU B 164 -6.26 7.77 4.40
C LEU B 164 -6.34 6.61 3.41
N MET B 165 -5.28 5.81 3.33
CA MET B 165 -5.32 4.64 2.44
C MET B 165 -6.38 3.65 2.90
N GLY B 166 -6.82 3.78 4.16
CA GLY B 166 -7.85 2.90 4.70
C GLY B 166 -9.12 2.94 3.85
N ASP B 167 -9.47 4.14 3.38
CA ASP B 167 -10.69 4.32 2.57
C ASP B 167 -10.43 4.17 1.07
N GLY B 168 -9.17 4.02 0.69
CA GLY B 168 -8.82 3.83 -0.71
C GLY B 168 -7.93 4.95 -1.24
N GLY B 169 -7.42 5.77 -0.33
CA GLY B 169 -6.57 6.88 -0.70
C GLY B 169 -7.24 7.80 -1.70
N TRP B 170 -6.51 8.19 -2.74
CA TRP B 170 -7.09 9.08 -3.74
C TRP B 170 -8.24 8.46 -4.54
N ALA B 171 -8.40 7.14 -4.48
CA ALA B 171 -9.52 6.51 -5.19
C ALA B 171 -10.84 6.73 -4.46
N SER B 172 -10.79 7.17 -3.21
CA SER B 172 -12.00 7.53 -2.48
C SER B 172 -12.25 9.04 -2.44
N ARG B 173 -13.42 9.44 -2.95
CA ARG B 173 -13.85 10.84 -2.96
C ARG B 173 -13.66 11.54 -1.62
N SER B 174 -13.88 10.82 -0.52
CA SER B 174 -13.69 11.37 0.83
C SER B 174 -12.32 12.02 1.02
N THR B 175 -11.31 11.48 0.35
CA THR B 175 -9.95 12.01 0.47
C THR B 175 -9.88 13.48 0.02
N ALA B 176 -10.69 13.84 -0.98
CA ALA B 176 -10.74 15.22 -1.48
C ALA B 176 -11.28 16.18 -0.42
N HIS B 177 -12.26 15.69 0.35
CA HIS B 177 -12.83 16.47 1.43
C HIS B 177 -11.86 16.59 2.61
N ALA B 178 -11.04 15.55 2.83
CA ALA B 178 -10.00 15.62 3.84
C ALA B 178 -8.98 16.70 3.46
N PHE B 179 -8.57 16.70 2.19
CA PHE B 179 -7.68 17.75 1.67
C PHE B 179 -8.27 19.14 1.86
N GLN B 180 -9.54 19.26 1.50
CA GLN B 180 -10.31 20.50 1.63
C GLN B 180 -10.16 21.08 3.04
N ARG B 181 -10.44 20.26 4.05
CA ARG B 181 -10.28 20.65 5.45
C ARG B 181 -8.81 20.97 5.79
N TYR B 182 -7.90 20.15 5.26
CA TYR B 182 -6.47 20.39 5.43
C TYR B 182 -6.11 21.74 4.84
N ALA B 183 -6.53 21.96 3.60
CA ALA B 183 -6.26 23.23 2.92
C ALA B 183 -6.71 24.44 3.76
N LYS B 184 -7.95 24.39 4.23
CA LYS B 184 -8.54 25.45 5.05
C LYS B 184 -7.76 25.67 6.35
N THR B 185 -7.34 24.56 6.98
CA THR B 185 -6.55 24.66 8.21
C THR B 185 -5.24 25.40 7.97
N VAL B 186 -4.53 25.06 6.90
CA VAL B 186 -3.23 25.67 6.62
C VAL B 186 -3.36 27.16 6.31
N MET B 187 -4.27 27.51 5.41
CA MET B 187 -4.41 28.89 4.96
C MET B 187 -4.96 29.83 6.05
N ALA B 188 -5.73 29.29 6.99
CA ALA B 188 -6.21 30.07 8.14
C ALA B 188 -5.04 30.52 9.01
N ARG B 189 -4.04 29.67 9.14
CA ARG B 189 -2.91 29.97 10.01
C ARG B 189 -1.86 30.84 9.30
N LEU B 190 -1.67 30.56 8.00
CA LEU B 190 -0.53 31.10 7.25
C LEU B 190 -0.91 32.17 6.22
N GLY B 191 -2.20 32.30 5.94
CA GLY B 191 -2.66 33.14 4.83
C GLY B 191 -2.39 34.63 4.97
N ASP B 192 -2.15 35.10 6.18
CA ASP B 192 -1.87 36.51 6.40
C ASP B 192 -0.45 36.88 5.95
N ARG B 193 0.39 35.88 5.70
CA ARG B 193 1.79 36.12 5.36
C ARG B 193 2.25 35.50 4.05
N LEU B 194 1.61 34.42 3.62
CA LEU B 194 2.06 33.71 2.40
C LEU B 194 1.99 34.62 1.19
N ASP B 195 3.04 34.65 0.37
CA ASP B 195 2.98 35.45 -0.86
C ASP B 195 2.14 34.75 -1.93
N ALA B 196 2.11 33.42 -1.89
CA ALA B 196 1.30 32.63 -2.85
C ALA B 196 1.17 31.18 -2.40
N VAL B 197 0.12 30.50 -2.88
CA VAL B 197 -0.09 29.10 -2.57
C VAL B 197 -0.50 28.35 -3.84
N ALA B 198 0.02 27.13 -3.98
CA ALA B 198 -0.46 26.21 -5.00
C ALA B 198 -1.10 25.03 -4.28
N THR B 199 -2.22 24.53 -4.79
CA THR B 199 -2.88 23.41 -4.14
C THR B 199 -2.03 22.16 -4.24
N PHE B 200 -1.76 21.74 -5.49
CA PHE B 200 -1.06 20.49 -5.79
C PHE B 200 0.17 20.71 -6.66
N ASN B 201 1.17 19.87 -6.44
CA ASN B 201 2.33 19.80 -7.31
C ASN B 201 2.19 18.56 -8.20
N GLU B 202 2.08 18.76 -9.51
CA GLU B 202 2.13 17.67 -10.48
C GLU B 202 1.09 16.54 -10.32
N PRO B 203 -0.19 16.85 -10.60
CA PRO B 203 -1.24 15.82 -10.65
C PRO B 203 -0.81 14.58 -11.45
N TRP B 204 -0.12 14.77 -12.57
CA TRP B 204 0.36 13.66 -13.41
C TRP B 204 1.13 12.59 -12.62
N CYS B 205 1.97 13.03 -11.68
CA CYS B 205 2.76 12.06 -10.94
C CYS B 205 1.88 11.39 -9.89
N ALA B 206 1.21 12.22 -9.10
CA ALA B 206 0.34 11.69 -8.05
C ALA B 206 -0.79 10.82 -8.62
N VAL B 207 -1.18 11.07 -9.88
CA VAL B 207 -2.23 10.27 -10.50
C VAL B 207 -1.67 9.08 -11.29
N TRP B 208 -1.09 9.35 -12.46
CA TRP B 208 -0.66 8.25 -13.35
C TRP B 208 0.58 7.50 -12.86
N LEU B 209 1.61 8.24 -12.45
CA LEU B 209 2.88 7.61 -12.05
C LEU B 209 2.68 6.79 -10.78
N SER B 210 1.72 7.22 -9.98
CA SER B 210 1.44 6.57 -8.69
C SER B 210 0.37 5.47 -8.74
N HIS B 211 -0.56 5.59 -9.67
CA HIS B 211 -1.71 4.67 -9.69
C HIS B 211 -1.85 3.84 -10.94
N LEU B 212 -1.12 4.19 -12.01
CA LEU B 212 -1.20 3.39 -13.25
C LEU B 212 0.13 2.70 -13.54
N TYR B 213 1.23 3.43 -13.37
CA TYR B 213 2.56 2.89 -13.65
C TYR B 213 3.26 2.29 -12.42
N GLY B 214 2.73 2.56 -11.23
CA GLY B 214 3.25 1.97 -9.99
C GLY B 214 4.64 2.39 -9.54
N ILE B 215 5.19 3.44 -10.16
CA ILE B 215 6.53 3.92 -9.85
C ILE B 215 6.57 4.79 -8.56
N HIS B 216 5.49 5.49 -8.27
CA HIS B 216 5.44 6.36 -7.08
C HIS B 216 4.35 5.85 -6.15
N ALA B 217 4.42 6.27 -4.89
CA ALA B 217 3.45 5.86 -3.87
C ALA B 217 2.03 6.30 -4.25
N PRO B 218 1.02 5.44 -4.02
CA PRO B 218 1.09 4.17 -3.29
C PRO B 218 1.47 2.95 -4.15
N GLY B 219 1.87 3.17 -5.40
CA GLY B 219 2.39 2.07 -6.22
C GLY B 219 1.36 1.16 -6.87
N GLU B 220 0.22 1.71 -7.26
CA GLU B 220 -0.78 0.90 -7.96
C GLU B 220 -0.56 0.85 -9.48
N ARG B 221 -1.11 -0.19 -10.12
CA ARG B 221 -1.04 -0.34 -11.56
C ARG B 221 -2.43 -0.81 -12.04
N ASN B 222 -3.40 0.10 -11.99
CA ASN B 222 -4.80 -0.21 -12.24
C ASN B 222 -5.50 1.04 -12.79
N MET B 223 -6.17 0.91 -13.93
CA MET B 223 -6.78 2.06 -14.60
C MET B 223 -7.98 2.61 -13.82
N GLU B 224 -8.78 1.71 -13.26
CA GLU B 224 -9.89 2.14 -12.45
C GLU B 224 -9.45 3.00 -11.26
N ALA B 225 -8.36 2.59 -10.60
CA ALA B 225 -7.86 3.34 -9.45
C ALA B 225 -7.31 4.69 -9.90
N ALA B 226 -6.55 4.67 -10.99
CA ALA B 226 -5.94 5.88 -11.51
C ALA B 226 -7.01 6.90 -11.94
N LEU B 227 -8.05 6.43 -12.64
CA LEU B 227 -9.16 7.31 -13.03
C LEU B 227 -9.86 7.91 -11.82
N ALA B 228 -10.05 7.12 -10.77
CA ALA B 228 -10.62 7.68 -9.54
C ALA B 228 -9.67 8.72 -8.95
N ALA B 229 -8.37 8.42 -8.96
CA ALA B 229 -7.39 9.36 -8.41
C ALA B 229 -7.39 10.65 -9.23
N MET B 230 -7.53 10.49 -10.55
CA MET B 230 -7.50 11.65 -11.46
C MET B 230 -8.61 12.63 -11.11
N HIS B 231 -9.84 12.16 -11.09
CA HIS B 231 -10.95 13.05 -10.81
C HIS B 231 -10.89 13.56 -9.38
N HIS B 232 -10.50 12.70 -8.44
CA HIS B 232 -10.50 13.12 -7.03
C HIS B 232 -9.42 14.16 -6.73
N ILE B 233 -8.31 14.12 -7.47
CA ILE B 233 -7.28 15.16 -7.29
C ILE B 233 -7.74 16.49 -7.93
N ASN B 234 -8.33 16.41 -9.14
CA ASN B 234 -8.89 17.62 -9.76
C ASN B 234 -9.89 18.26 -8.82
N LEU B 235 -10.84 17.46 -8.35
CA LEU B 235 -11.86 17.92 -7.41
C LEU B 235 -11.23 18.52 -6.16
N ALA B 236 -10.24 17.82 -5.59
CA ALA B 236 -9.53 18.34 -4.40
C ALA B 236 -8.84 19.68 -4.70
N HIS B 237 -8.30 19.83 -5.91
CA HIS B 237 -7.74 21.11 -6.25
C HIS B 237 -8.81 22.21 -6.13
N GLY B 238 -9.97 21.98 -6.73
CA GLY B 238 -11.08 22.93 -6.65
C GLY B 238 -11.50 23.26 -5.22
N PHE B 239 -11.61 22.24 -4.37
CA PHE B 239 -11.97 22.43 -2.98
C PHE B 239 -10.91 23.31 -2.33
N GLY B 240 -9.66 23.11 -2.74
CA GLY B 240 -8.56 23.84 -2.15
C GLY B 240 -8.63 25.32 -2.50
N VAL B 241 -8.91 25.61 -3.77
CA VAL B 241 -9.03 26.99 -4.24
C VAL B 241 -10.10 27.73 -3.45
N GLU B 242 -11.23 27.07 -3.26
CA GLU B 242 -12.32 27.74 -2.57
C GLU B 242 -11.99 27.90 -1.08
N ALA B 243 -11.39 26.87 -0.49
CA ALA B 243 -11.01 26.91 0.92
C ALA B 243 -10.01 28.05 1.17
N SER B 244 -9.01 28.16 0.31
CA SER B 244 -7.97 29.17 0.48
C SER B 244 -8.55 30.58 0.38
N ARG B 245 -9.44 30.80 -0.60
CA ARG B 245 -10.03 32.10 -0.81
C ARG B 245 -11.00 32.46 0.31
N HIS B 246 -11.67 31.45 0.85
CA HIS B 246 -12.56 31.67 1.98
C HIS B 246 -11.84 32.26 3.18
N VAL B 247 -10.65 31.77 3.50
CA VAL B 247 -9.99 32.20 4.73
C VAL B 247 -8.81 33.13 4.52
N ALA B 248 -8.30 33.19 3.28
CA ALA B 248 -7.19 34.09 2.94
C ALA B 248 -7.31 34.65 1.52
N PRO B 249 -8.35 35.46 1.28
CA PRO B 249 -8.77 35.94 -0.05
C PRO B 249 -7.68 36.69 -0.82
N LYS B 250 -6.77 37.34 -0.09
CA LYS B 250 -5.71 38.14 -0.70
C LYS B 250 -4.62 37.30 -1.33
N VAL B 251 -4.49 36.05 -0.88
CA VAL B 251 -3.39 35.18 -1.35
C VAL B 251 -3.66 34.64 -2.75
N PRO B 252 -2.75 34.93 -3.69
CA PRO B 252 -2.85 34.42 -5.08
C PRO B 252 -2.84 32.89 -5.10
N VAL B 253 -3.80 32.26 -5.78
CA VAL B 253 -3.96 30.80 -5.74
C VAL B 253 -3.58 30.16 -7.07
N GLY B 254 -2.76 29.10 -7.02
CA GLY B 254 -2.28 28.48 -8.24
C GLY B 254 -2.31 26.96 -8.24
N LEU B 255 -1.83 26.38 -9.35
CA LEU B 255 -1.72 24.93 -9.49
C LEU B 255 -0.40 24.67 -10.22
N VAL B 256 0.34 23.67 -9.78
CA VAL B 256 1.63 23.39 -10.43
C VAL B 256 1.49 22.11 -11.23
N LEU B 257 1.86 22.19 -12.50
CA LEU B 257 1.69 21.08 -13.40
C LEU B 257 2.98 20.79 -14.16
N ASN B 258 3.40 19.53 -14.19
CA ASN B 258 4.41 19.17 -15.17
C ASN B 258 3.72 18.86 -16.50
N ALA B 259 3.31 19.92 -17.20
CA ALA B 259 2.75 19.78 -18.54
C ALA B 259 3.81 19.18 -19.43
N HIS B 260 3.42 18.14 -20.16
CA HIS B 260 4.35 17.41 -20.99
C HIS B 260 4.49 18.01 -22.38
N SER B 261 5.73 18.22 -22.80
CA SER B 261 6.02 18.72 -24.13
C SER B 261 5.96 17.55 -25.10
N VAL B 262 4.76 17.17 -25.53
CA VAL B 262 4.60 16.01 -26.42
C VAL B 262 5.06 16.27 -27.86
N ILE B 263 6.07 15.53 -28.29
CA ILE B 263 6.60 15.66 -29.64
C ILE B 263 6.47 14.33 -30.37
N PRO B 264 5.83 14.34 -31.55
CA PRO B 264 5.67 13.09 -32.33
C PRO B 264 7.01 12.55 -32.82
N ALA B 265 7.09 11.23 -33.06
CA ALA B 265 8.31 10.63 -33.60
C ALA B 265 8.49 11.00 -35.08
N SER B 266 7.37 11.15 -35.79
CA SER B 266 7.36 11.57 -37.19
C SER B 266 6.12 12.43 -37.45
N ASN B 267 6.04 13.03 -38.65
CA ASN B 267 4.84 13.76 -39.05
C ASN B 267 3.83 12.87 -39.72
N SER B 268 4.02 11.55 -39.60
CA SER B 268 3.04 10.59 -40.11
C SER B 268 1.69 10.86 -39.48
N ASP B 269 0.62 10.50 -40.18
CA ASP B 269 -0.73 10.71 -39.66
C ASP B 269 -0.94 9.96 -38.35
N ALA B 270 -0.43 8.73 -38.29
CA ALA B 270 -0.59 7.87 -37.12
C ALA B 270 0.15 8.40 -35.90
N ASP B 271 1.32 9.01 -36.13
CA ASP B 271 2.15 9.55 -35.06
C ASP B 271 1.59 10.87 -34.54
N MET B 272 0.99 11.64 -35.44
CA MET B 272 0.45 12.94 -35.05
C MET B 272 -0.87 12.79 -34.31
N LYS B 273 -1.70 11.83 -34.71
CA LYS B 273 -2.90 11.50 -33.94
C LYS B 273 -2.50 10.94 -32.56
N ALA B 274 -1.36 10.26 -32.52
CA ALA B 274 -0.87 9.67 -31.27
C ALA B 274 -0.41 10.74 -30.29
N ALA B 275 0.42 11.66 -30.78
CA ALA B 275 0.80 12.84 -30.01
C ALA B 275 -0.42 13.55 -29.42
N GLU B 276 -1.50 13.65 -30.18
CA GLU B 276 -2.67 14.36 -29.68
C GLU B 276 -3.41 13.53 -28.62
N ARG B 277 -3.45 12.21 -28.81
CA ARG B 277 -4.01 11.32 -27.80
C ARG B 277 -3.14 11.44 -26.55
N ALA B 278 -1.84 11.44 -26.73
CA ALA B 278 -0.93 11.57 -25.59
C ALA B 278 -1.16 12.91 -24.84
N PHE B 279 -1.28 14.00 -25.60
CA PHE B 279 -1.54 15.30 -25.00
C PHE B 279 -2.80 15.22 -24.14
N GLN B 280 -3.88 14.68 -24.70
CA GLN B 280 -5.13 14.57 -23.95
C GLN B 280 -4.98 13.79 -22.64
N PHE B 281 -4.30 12.64 -22.71
CA PHE B 281 -4.15 11.77 -21.55
C PHE B 281 -3.19 12.36 -20.51
N HIS B 282 -2.00 12.74 -20.93
CA HIS B 282 -0.97 13.22 -20.00
C HIS B 282 -1.14 14.70 -19.54
N ASN B 283 -1.75 15.53 -20.40
CA ASN B 283 -2.02 16.94 -20.06
C ASN B 283 -3.49 17.26 -19.91
N GLY B 284 -4.23 16.97 -20.98
CA GLY B 284 -5.66 17.26 -21.05
C GLY B 284 -6.46 16.80 -19.85
N ALA B 285 -6.05 15.67 -19.26
CA ALA B 285 -6.75 15.12 -18.10
C ALA B 285 -6.81 16.11 -16.95
N PHE B 286 -5.87 17.04 -16.92
CA PHE B 286 -5.83 18.02 -15.84
C PHE B 286 -6.10 19.44 -16.36
N PHE B 287 -5.47 19.80 -17.49
CA PHE B 287 -5.65 21.14 -18.04
C PHE B 287 -7.07 21.44 -18.50
N ASP B 288 -7.74 20.48 -19.10
CA ASP B 288 -9.07 20.68 -19.57
C ASP B 288 -10.11 20.88 -18.49
N PRO B 289 -10.09 20.00 -17.52
CA PRO B 289 -11.02 20.28 -16.41
C PRO B 289 -10.75 21.60 -15.69
N VAL B 290 -9.49 21.96 -15.44
CA VAL B 290 -9.19 23.17 -14.67
C VAL B 290 -9.47 24.44 -15.47
N PHE B 291 -9.11 24.42 -16.75
CA PHE B 291 -9.16 25.63 -17.57
C PHE B 291 -10.29 25.69 -18.60
N LYS B 292 -11.00 24.56 -18.81
CA LYS B 292 -12.14 24.54 -19.72
C LYS B 292 -13.41 23.93 -19.10
N GLY B 293 -13.33 23.43 -17.88
CA GLY B 293 -14.48 22.84 -17.23
C GLY B 293 -15.02 21.56 -17.87
N GLU B 294 -14.18 20.85 -18.63
CA GLU B 294 -14.59 19.58 -19.23
C GLU B 294 -13.38 18.65 -19.35
N TYR B 295 -13.62 17.34 -19.42
CA TYR B 295 -12.56 16.38 -19.72
C TYR B 295 -12.40 16.28 -21.23
N PRO B 296 -11.20 15.85 -21.70
CA PRO B 296 -11.04 15.72 -23.15
C PRO B 296 -12.02 14.69 -23.76
N ALA B 297 -12.69 15.09 -24.84
CA ALA B 297 -13.77 14.30 -25.43
C ALA B 297 -13.36 12.87 -25.79
N GLU B 298 -12.26 12.73 -26.52
CA GLU B 298 -11.78 11.41 -26.93
C GLU B 298 -11.41 10.53 -25.73
N MET B 299 -10.84 11.14 -24.69
CA MET B 299 -10.44 10.41 -23.49
C MET B 299 -11.68 9.90 -22.77
N ILE B 300 -12.72 10.73 -22.68
CA ILE B 300 -13.98 10.30 -22.08
C ILE B 300 -14.57 9.15 -22.89
N GLU B 301 -14.37 9.20 -24.21
CA GLU B 301 -14.88 8.16 -25.09
C GLU B 301 -14.22 6.82 -24.78
N ALA B 302 -12.92 6.83 -24.50
CA ALA B 302 -12.22 5.58 -24.25
C ALA B 302 -12.30 5.11 -22.79
N LEU B 303 -12.40 6.05 -21.86
CA LEU B 303 -12.17 5.73 -20.44
C LEU B 303 -13.28 6.10 -19.46
N GLY B 304 -14.25 6.90 -19.89
CA GLY B 304 -15.21 7.49 -18.96
C GLY B 304 -16.11 6.50 -18.21
N SER B 305 -16.37 5.36 -18.84
CA SER B 305 -17.22 4.34 -18.23
C SER B 305 -16.53 3.75 -17.01
N ARG B 306 -15.20 3.87 -16.96
CA ARG B 306 -14.44 3.36 -15.84
C ARG B 306 -14.05 4.44 -14.83
N MET B 307 -14.55 5.66 -15.06
CA MET B 307 -14.32 6.77 -14.14
C MET B 307 -15.26 6.69 -12.94
N PRO B 308 -14.87 7.30 -11.81
CA PRO B 308 -15.83 7.46 -10.72
C PRO B 308 -16.96 8.43 -11.10
N VAL B 309 -17.98 8.51 -10.25
CA VAL B 309 -19.09 9.43 -10.46
C VAL B 309 -18.56 10.88 -10.55
N VAL B 310 -18.98 11.60 -11.59
CA VAL B 310 -18.75 13.04 -11.65
C VAL B 310 -20.05 13.73 -11.24
N GLU B 311 -20.11 14.18 -10.00
CA GLU B 311 -21.30 14.85 -9.50
C GLU B 311 -21.55 16.16 -10.26
N ALA B 312 -22.80 16.63 -10.23
CA ALA B 312 -23.24 17.78 -11.03
C ALA B 312 -22.32 19.00 -10.95
N GLU B 313 -21.96 19.41 -9.74
CA GLU B 313 -21.14 20.61 -9.53
C GLU B 313 -19.63 20.42 -9.72
N ASP B 314 -19.18 19.17 -9.86
CA ASP B 314 -17.73 18.87 -9.87
C ASP B 314 -16.92 19.74 -10.82
N LEU B 315 -17.30 19.77 -12.09
CA LEU B 315 -16.49 20.45 -13.09
C LEU B 315 -16.44 21.97 -12.89
N SER B 316 -17.50 22.55 -12.32
CA SER B 316 -17.45 23.99 -12.05
C SER B 316 -16.56 24.29 -10.84
N ILE B 317 -16.59 23.40 -9.84
CA ILE B 317 -15.66 23.48 -8.73
C ILE B 317 -14.20 23.41 -9.21
N ILE B 318 -13.93 22.46 -10.10
CA ILE B 318 -12.57 22.23 -10.62
C ILE B 318 -12.03 23.40 -11.43
N SER B 319 -12.92 24.15 -12.08
CA SER B 319 -12.51 25.13 -13.08
C SER B 319 -12.62 26.56 -12.59
N GLN B 320 -12.64 26.73 -11.28
CA GLN B 320 -12.55 28.06 -10.69
C GLN B 320 -11.31 28.77 -11.25
N LYS B 321 -11.40 30.08 -11.43
CA LYS B 321 -10.27 30.82 -11.99
C LYS B 321 -9.07 30.85 -11.03
N LEU B 322 -7.87 30.78 -11.59
CA LEU B 322 -6.63 30.84 -10.80
C LEU B 322 -5.88 32.15 -11.07
N ASP B 323 -5.13 32.61 -10.07
CA ASP B 323 -4.35 33.84 -10.18
C ASP B 323 -3.02 33.64 -10.88
N TRP B 324 -2.50 32.42 -10.82
CA TRP B 324 -1.28 32.08 -11.54
C TRP B 324 -1.26 30.57 -11.71
N TRP B 325 -0.27 30.07 -12.45
CA TRP B 325 -0.11 28.63 -12.58
C TRP B 325 1.38 28.36 -12.71
N GLY B 326 1.81 27.22 -12.19
CA GLY B 326 3.22 26.86 -12.22
C GLY B 326 3.52 25.77 -13.23
N LEU B 327 4.55 25.98 -14.04
CA LEU B 327 4.99 24.95 -14.99
C LEU B 327 6.29 24.29 -14.49
N ASN B 328 6.29 22.97 -14.41
CA ASN B 328 7.51 22.24 -14.10
C ASN B 328 8.04 21.62 -15.38
N TYR B 329 9.25 22.00 -15.79
CA TYR B 329 9.79 21.47 -17.03
C TYR B 329 11.19 20.90 -16.88
N TYR B 330 11.42 19.72 -17.46
CA TYR B 330 12.76 19.13 -17.45
C TYR B 330 13.20 18.68 -18.84
N THR B 331 12.28 18.12 -19.61
CA THR B 331 12.64 17.31 -20.76
C THR B 331 11.38 17.03 -21.56
N PRO B 332 11.52 16.79 -22.87
CA PRO B 332 10.35 16.48 -23.72
C PRO B 332 9.78 15.08 -23.50
N MET B 333 8.54 14.86 -23.92
CA MET B 333 7.96 13.52 -23.95
C MET B 333 7.79 13.09 -25.42
N ARG B 334 8.78 12.41 -25.96
CA ARG B 334 8.70 11.95 -27.35
C ARG B 334 7.91 10.66 -27.50
N VAL B 335 6.91 10.68 -28.39
CA VAL B 335 5.99 9.56 -28.55
C VAL B 335 5.81 9.08 -29.98
N ALA B 336 5.37 7.82 -30.11
CA ALA B 336 5.01 7.26 -31.39
C ALA B 336 3.75 6.44 -31.19
N ASP B 337 3.01 6.22 -32.27
CA ASP B 337 1.81 5.40 -32.23
C ASP B 337 2.17 3.96 -31.86
N ASP B 338 1.26 3.28 -31.16
CA ASP B 338 1.45 1.87 -30.83
C ASP B 338 0.22 1.10 -31.29
N ALA B 339 0.38 0.33 -32.36
CA ALA B 339 -0.72 -0.41 -32.98
C ALA B 339 -0.99 -1.78 -32.35
N THR B 340 -0.33 -2.09 -31.24
CA THR B 340 -0.57 -3.36 -30.55
C THR B 340 -2.04 -3.53 -30.20
N GLU B 341 -2.56 -4.72 -30.53
CA GLU B 341 -3.97 -5.02 -30.31
C GLU B 341 -4.38 -4.80 -28.86
N GLY B 342 -5.42 -3.99 -28.65
CA GLY B 342 -5.92 -3.73 -27.31
C GLY B 342 -5.10 -2.77 -26.45
N ALA B 343 -4.07 -2.14 -27.01
CA ALA B 343 -3.32 -1.14 -26.25
C ALA B 343 -4.27 -0.07 -25.74
N GLU B 344 -4.27 0.18 -24.46
CA GLU B 344 -5.17 1.15 -23.93
C GLU B 344 -4.85 2.56 -24.36
N PHE B 345 -5.87 3.42 -24.44
CA PHE B 345 -5.72 4.87 -24.65
C PHE B 345 -4.70 5.41 -23.64
N PRO B 346 -3.75 6.25 -24.11
CA PRO B 346 -3.64 6.88 -25.43
C PRO B 346 -2.92 6.04 -26.50
N ALA B 347 -2.67 4.75 -26.23
CA ALA B 347 -2.02 3.86 -27.20
C ALA B 347 -0.79 4.46 -27.88
N THR B 348 0.16 4.92 -27.07
CA THR B 348 1.43 5.40 -27.59
C THR B 348 2.56 4.63 -26.94
N LYS B 349 3.75 4.74 -27.52
CA LYS B 349 4.93 4.18 -26.91
C LYS B 349 6.01 5.23 -26.98
N GLN B 350 7.03 5.09 -26.13
CA GLN B 350 8.16 6.02 -26.14
C GLN B 350 8.93 6.00 -27.47
N ALA B 351 9.25 7.20 -27.96
CA ALA B 351 10.08 7.37 -29.15
C ALA B 351 11.45 7.88 -28.68
N PRO B 352 12.50 7.69 -29.50
CA PRO B 352 13.88 7.99 -29.05
C PRO B 352 14.24 9.47 -28.99
N ALA B 353 15.28 9.79 -28.24
CA ALA B 353 15.71 11.17 -28.05
C ALA B 353 16.39 11.69 -29.30
N VAL B 354 16.29 13.00 -29.55
CA VAL B 354 16.93 13.61 -30.72
C VAL B 354 18.33 14.14 -30.37
N SER B 355 18.41 14.96 -29.34
CA SER B 355 19.72 15.29 -28.75
C SER B 355 20.40 14.01 -28.24
N ASP B 356 21.72 14.03 -28.07
CA ASP B 356 22.40 12.93 -27.37
C ASP B 356 22.93 13.36 -25.99
N VAL B 357 22.69 14.62 -25.64
CA VAL B 357 23.00 15.10 -24.30
C VAL B 357 21.96 14.59 -23.29
N LYS B 358 22.43 13.93 -22.24
CA LYS B 358 21.55 13.38 -21.20
C LYS B 358 22.05 13.73 -19.80
N THR B 359 21.14 13.93 -18.85
CA THR B 359 21.53 14.15 -17.46
C THR B 359 21.83 12.80 -16.82
N ASP B 360 22.37 12.80 -15.61
CA ASP B 360 22.78 11.55 -14.95
C ASP B 360 21.61 10.67 -14.52
N ILE B 361 20.39 11.19 -14.62
CA ILE B 361 19.22 10.35 -14.36
C ILE B 361 18.70 9.76 -15.67
N GLY B 362 19.26 10.21 -16.81
CA GLY B 362 18.91 9.66 -18.11
C GLY B 362 17.94 10.47 -18.96
N TRP B 363 17.66 11.70 -18.54
CA TRP B 363 16.72 12.57 -19.26
C TRP B 363 17.41 13.39 -20.35
N GLU B 364 16.88 13.31 -21.56
CA GLU B 364 17.32 14.13 -22.68
C GLU B 364 17.32 15.62 -22.32
N VAL B 365 18.42 16.30 -22.62
CA VAL B 365 18.40 17.75 -22.58
C VAL B 365 17.96 18.29 -23.94
N TYR B 366 16.85 19.05 -23.98
CA TYR B 366 16.39 19.68 -25.22
C TYR B 366 15.57 20.93 -24.91
N ALA B 367 16.25 22.03 -24.72
CA ALA B 367 15.62 23.29 -24.32
C ALA B 367 14.44 23.80 -25.19
N PRO B 368 14.55 23.67 -26.54
CA PRO B 368 13.46 24.23 -27.35
C PRO B 368 12.07 23.64 -27.07
N ALA B 369 12.02 22.45 -26.49
CA ALA B 369 10.74 21.85 -26.14
C ALA B 369 9.99 22.70 -25.10
N LEU B 370 10.73 23.48 -24.31
CA LEU B 370 10.11 24.41 -23.35
C LEU B 370 9.36 25.53 -24.09
N HIS B 371 9.97 26.04 -25.17
CA HIS B 371 9.38 27.13 -25.92
C HIS B 371 8.11 26.68 -26.63
N SER B 372 8.20 25.55 -27.33
CA SER B 372 7.07 25.06 -28.11
C SER B 372 5.95 24.63 -27.17
N LEU B 373 6.32 24.09 -26.02
CA LEU B 373 5.33 23.70 -25.02
C LEU B 373 4.53 24.91 -24.55
N VAL B 374 5.22 25.97 -24.13
CA VAL B 374 4.53 27.14 -23.58
C VAL B 374 3.61 27.76 -24.64
N GLU B 375 4.08 27.81 -25.89
CA GLU B 375 3.28 28.41 -26.94
C GLU B 375 2.04 27.56 -27.29
N THR B 376 2.19 26.24 -27.35
CA THR B 376 1.05 25.32 -27.48
C THR B 376 0.00 25.57 -26.40
N LEU B 377 0.44 25.64 -25.15
CA LEU B 377 -0.48 25.78 -24.02
C LEU B 377 -1.29 27.08 -24.09
N TYR B 378 -0.60 28.18 -24.37
CA TYR B 378 -1.27 29.49 -24.44
C TYR B 378 -2.22 29.65 -25.63
N GLU B 379 -1.94 28.95 -26.74
CA GLU B 379 -2.87 28.93 -27.85
C GLU B 379 -4.10 28.10 -27.46
N ARG B 380 -3.84 26.96 -26.82
CA ARG B 380 -4.88 25.96 -26.53
C ARG B 380 -5.79 26.32 -25.35
N TYR B 381 -5.26 27.03 -24.37
CA TYR B 381 -6.03 27.31 -23.17
C TYR B 381 -5.94 28.78 -22.80
N GLU B 382 -6.93 29.24 -22.02
CA GLU B 382 -6.87 30.57 -21.46
C GLU B 382 -6.25 30.50 -20.06
N LEU B 383 -4.96 30.84 -19.98
CA LEU B 383 -4.18 30.67 -18.75
C LEU B 383 -3.81 32.00 -18.08
N PRO B 384 -3.72 32.00 -16.74
CA PRO B 384 -3.26 33.19 -16.02
C PRO B 384 -1.73 33.28 -16.06
N ASP B 385 -1.13 34.21 -15.30
CA ASP B 385 0.33 34.34 -15.24
C ASP B 385 1.04 33.00 -15.02
N CYS B 386 2.21 32.85 -15.62
CA CYS B 386 3.01 31.63 -15.51
C CYS B 386 4.28 31.84 -14.69
N TYR B 387 4.52 30.93 -13.74
CA TYR B 387 5.84 30.81 -13.14
C TYR B 387 6.42 29.45 -13.50
N ILE B 388 7.68 29.43 -13.90
CA ILE B 388 8.41 28.17 -13.99
C ILE B 388 8.69 27.78 -12.54
N THR B 389 7.93 26.82 -12.02
CA THR B 389 8.06 26.48 -10.61
C THR B 389 9.11 25.40 -10.34
N GLU B 390 9.53 24.69 -11.40
CA GLU B 390 10.66 23.76 -11.30
C GLU B 390 11.40 23.67 -12.61
N ASN B 391 12.70 23.85 -12.55
CA ASN B 391 13.55 23.57 -13.70
C ASN B 391 14.96 23.29 -13.17
N GLY B 392 15.61 22.26 -13.70
CA GLY B 392 16.92 21.86 -13.20
C GLY B 392 17.37 20.53 -13.79
N ALA B 393 18.52 20.03 -13.30
CA ALA B 393 19.14 18.86 -13.91
C ALA B 393 19.87 17.98 -12.91
N CYS B 394 19.76 16.67 -13.12
CA CYS B 394 20.46 15.73 -12.27
C CYS B 394 21.89 15.50 -12.74
N TYR B 395 22.85 15.92 -11.92
CA TYR B 395 24.25 15.64 -12.15
C TYR B 395 24.89 15.38 -10.80
N ASN B 396 25.53 14.21 -10.68
CA ASN B 396 25.84 13.64 -9.37
C ASN B 396 27.24 13.92 -8.81
N MET B 397 27.98 14.86 -9.40
CA MET B 397 29.34 15.14 -8.91
C MET B 397 29.32 15.75 -7.50
N GLY B 398 30.34 15.46 -6.71
CA GLY B 398 30.39 15.91 -5.32
C GLY B 398 31.50 16.89 -4.99
N VAL B 399 31.85 16.99 -3.71
CA VAL B 399 32.86 17.98 -3.29
C VAL B 399 34.28 17.49 -3.52
N GLU B 400 35.06 18.29 -4.24
CA GLU B 400 36.48 18.06 -4.46
C GLU B 400 37.13 19.43 -4.65
N ASN B 401 38.14 19.71 -3.81
CA ASN B 401 38.75 21.03 -3.62
C ASN B 401 37.98 21.90 -2.63
N GLY B 402 36.96 21.32 -1.99
CA GLY B 402 36.03 22.11 -1.22
C GLY B 402 35.08 22.84 -2.17
N GLU B 403 35.04 22.34 -3.41
CA GLU B 403 34.29 22.96 -4.49
C GLU B 403 33.53 21.87 -5.28
N VAL B 404 32.39 22.21 -5.87
CA VAL B 404 31.69 21.25 -6.74
C VAL B 404 31.59 21.76 -8.17
N ASP B 405 32.30 21.10 -9.09
CA ASP B 405 32.30 21.52 -10.49
C ASP B 405 31.18 20.86 -11.30
N ASP B 406 30.04 21.52 -11.36
CA ASP B 406 28.89 20.98 -12.05
C ASP B 406 28.56 21.81 -13.29
N GLN B 407 29.55 22.00 -14.16
CA GLN B 407 29.37 22.72 -15.42
C GLN B 407 28.11 22.29 -16.21
N PRO B 408 27.87 20.97 -16.37
CA PRO B 408 26.64 20.60 -17.09
C PRO B 408 25.37 21.16 -16.44
N ARG B 409 25.31 21.30 -15.11
CA ARG B 409 24.14 21.88 -14.46
C ARG B 409 24.03 23.34 -14.87
N LEU B 410 25.16 24.03 -14.75
CA LEU B 410 25.22 25.46 -15.09
C LEU B 410 24.82 25.66 -16.55
N ASP B 411 25.42 24.87 -17.43
CA ASP B 411 25.10 24.93 -18.84
C ASP B 411 23.60 24.72 -19.04
N TYR B 412 23.06 23.70 -18.36
CA TYR B 412 21.63 23.43 -18.45
C TYR B 412 20.81 24.66 -18.10
N TYR B 413 21.15 25.28 -16.97
CA TYR B 413 20.38 26.45 -16.52
C TYR B 413 20.46 27.64 -17.50
N ALA B 414 21.66 28.00 -17.92
CA ALA B 414 21.83 29.16 -18.80
C ALA B 414 21.02 28.97 -20.09
N GLU B 415 21.09 27.77 -20.65
CA GLU B 415 20.34 27.52 -21.88
C GLU B 415 18.83 27.58 -21.67
N HIS B 416 18.35 27.03 -20.54
CA HIS B 416 16.91 27.05 -20.31
C HIS B 416 16.39 28.45 -19.93
N LEU B 417 17.15 29.20 -19.13
CA LEU B 417 16.75 30.58 -18.83
C LEU B 417 16.71 31.45 -20.09
N GLY B 418 17.56 31.12 -21.07
CA GLY B 418 17.52 31.76 -22.37
C GLY B 418 16.15 31.58 -23.02
N ILE B 419 15.65 30.35 -23.01
CA ILE B 419 14.34 30.03 -23.54
C ILE B 419 13.24 30.82 -22.84
N VAL B 420 13.35 30.92 -21.52
CA VAL B 420 12.39 31.67 -20.71
C VAL B 420 12.42 33.14 -21.12
N ALA B 421 13.61 33.65 -21.41
CA ALA B 421 13.75 35.03 -21.84
C ALA B 421 13.22 35.24 -23.26
N ASP B 422 13.34 34.22 -24.10
CA ASP B 422 12.73 34.26 -25.43
C ASP B 422 11.22 34.39 -25.30
N LEU B 423 10.63 33.58 -24.42
CA LEU B 423 9.19 33.62 -24.17
C LEU B 423 8.75 34.99 -23.63
N VAL B 424 9.61 35.61 -22.82
CA VAL B 424 9.34 36.95 -22.34
C VAL B 424 9.26 37.90 -23.52
N LYS B 425 10.31 37.92 -24.33
CA LYS B 425 10.38 38.79 -25.50
C LYS B 425 9.24 38.55 -26.48
N ASP B 426 8.73 37.32 -26.54
CA ASP B 426 7.61 37.00 -27.42
C ASP B 426 6.27 37.46 -26.83
N GLY B 427 6.28 37.99 -25.61
CA GLY B 427 5.06 38.51 -25.03
C GLY B 427 4.29 37.56 -24.13
N TYR B 428 4.91 36.44 -23.77
CA TYR B 428 4.28 35.48 -22.87
C TYR B 428 4.39 35.92 -21.40
N PRO B 429 3.32 35.73 -20.62
CA PRO B 429 3.23 36.22 -19.23
C PRO B 429 4.07 35.40 -18.26
N MET B 430 5.36 35.35 -18.51
CA MET B 430 6.31 34.63 -17.67
C MET B 430 6.82 35.52 -16.54
N ARG B 431 6.30 35.30 -15.33
CA ARG B 431 6.58 36.22 -14.22
C ARG B 431 7.76 35.82 -13.33
N GLY B 432 8.17 34.55 -13.37
CA GLY B 432 9.22 34.10 -12.47
C GLY B 432 9.73 32.70 -12.75
N TYR B 433 10.79 32.32 -12.05
CA TYR B 433 11.51 31.07 -12.31
C TYR B 433 12.07 30.55 -10.98
N PHE B 434 11.79 29.29 -10.68
CA PHE B 434 12.35 28.62 -9.50
C PHE B 434 13.26 27.48 -9.92
N ALA B 435 14.52 27.56 -9.49
CA ALA B 435 15.46 26.47 -9.71
C ALA B 435 15.09 25.25 -8.84
N TRP B 436 15.03 24.06 -9.45
CA TRP B 436 14.79 22.85 -9.05
C TRP B 436 15.81 22.29 -8.08
N SER B 437 15.64 22.59 -6.79
CA SER B 437 16.55 22.12 -5.76
C SER B 437 17.39 23.10 -5.52
N LEU B 438 17.00 23.68 -4.39
CA LEU B 438 17.94 24.43 -3.57
C LEU B 438 19.12 23.52 -3.21
N MET B 439 18.81 22.29 -2.81
CA MET B 439 19.83 21.35 -2.37
C MET B 439 19.55 19.93 -2.80
N ASP B 440 20.60 19.11 -2.88
CA ASP B 440 20.44 17.68 -3.17
C ASP B 440 19.50 17.11 -2.11
N ASN B 441 18.66 16.16 -2.49
CA ASN B 441 17.66 15.69 -1.53
C ASN B 441 17.15 14.28 -1.86
N PHE B 442 16.14 13.82 -1.14
CA PHE B 442 15.62 12.49 -1.40
C PHE B 442 14.85 12.55 -2.72
N GLU B 443 15.36 11.87 -3.74
CA GLU B 443 14.76 11.96 -5.09
C GLU B 443 13.80 10.79 -5.34
N TRP B 444 12.80 10.67 -4.48
CA TRP B 444 11.69 9.72 -4.67
C TRP B 444 12.20 8.29 -4.93
N ALA B 445 11.74 7.68 -6.01
CA ALA B 445 12.11 6.29 -6.29
C ALA B 445 13.61 6.12 -6.49
N GLU B 446 14.32 7.19 -6.81
CA GLU B 446 15.77 7.08 -7.03
C GLU B 446 16.59 7.20 -5.75
N GLY B 447 15.92 7.40 -4.62
CA GLY B 447 16.63 7.59 -3.36
C GLY B 447 17.57 8.79 -3.41
N TYR B 448 18.64 8.74 -2.61
CA TYR B 448 19.57 9.87 -2.51
C TYR B 448 20.63 9.89 -3.61
N ARG B 449 20.65 8.85 -4.44
CA ARG B 449 21.66 8.73 -5.49
C ARG B 449 21.58 9.83 -6.57
N MET B 450 20.38 10.31 -6.89
CA MET B 450 20.24 11.31 -7.94
C MET B 450 20.18 12.73 -7.36
N ARG B 451 21.24 13.51 -7.59
CA ARG B 451 21.34 14.87 -7.03
C ARG B 451 20.82 15.95 -8.00
N PHE B 452 19.98 16.86 -7.50
CA PHE B 452 19.42 17.91 -8.36
C PHE B 452 19.78 19.31 -7.84
N GLY B 453 20.54 19.38 -6.76
CA GLY B 453 20.70 20.64 -6.05
C GLY B 453 21.64 21.66 -6.66
N LEU B 454 21.40 22.93 -6.32
CA LEU B 454 22.35 24.01 -6.56
C LEU B 454 23.37 23.98 -5.43
N VAL B 455 22.96 23.38 -4.32
CA VAL B 455 23.82 23.24 -3.15
C VAL B 455 24.03 21.78 -2.85
N HIS B 456 25.29 21.36 -2.69
CA HIS B 456 25.60 19.97 -2.40
C HIS B 456 25.37 19.65 -0.93
N VAL B 457 24.77 18.48 -0.67
CA VAL B 457 24.56 18.06 0.72
C VAL B 457 25.26 16.76 0.99
N ASP B 458 26.15 16.76 1.98
CA ASP B 458 26.80 15.53 2.41
C ASP B 458 25.92 14.93 3.49
N TYR B 459 25.32 13.77 3.22
CA TYR B 459 24.30 13.26 4.12
C TYR B 459 24.84 12.67 5.41
N GLU B 460 26.16 12.48 5.51
CA GLU B 460 26.79 12.06 6.77
C GLU B 460 27.02 13.25 7.69
N THR B 461 27.47 14.37 7.12
CA THR B 461 27.83 15.52 7.93
C THR B 461 26.73 16.58 7.94
N GLN B 462 25.77 16.42 7.02
CA GLN B 462 24.75 17.44 6.75
C GLN B 462 25.33 18.79 6.31
N VAL B 463 26.59 18.81 5.90
CA VAL B 463 27.24 20.04 5.40
C VAL B 463 26.67 20.50 4.05
N ARG B 464 26.25 21.78 3.98
CA ARG B 464 25.84 22.40 2.72
C ARG B 464 27.03 23.02 1.98
N THR B 465 27.26 22.63 0.72
CA THR B 465 28.29 23.29 -0.11
C THR B 465 27.67 23.84 -1.41
N LEU B 466 27.81 25.16 -1.63
CA LEU B 466 27.27 25.81 -2.83
C LEU B 466 28.03 25.37 -4.08
N LYS B 467 27.34 24.76 -5.04
CA LYS B 467 28.04 24.29 -6.26
C LYS B 467 28.36 25.45 -7.19
N ASN B 468 29.16 25.20 -8.23
CA ASN B 468 29.48 26.27 -9.17
C ASN B 468 28.22 26.79 -9.88
N SER B 469 27.29 25.92 -10.23
CA SER B 469 26.00 26.35 -10.75
C SER B 469 25.26 27.24 -9.76
N GLY B 470 25.39 26.96 -8.47
CA GLY B 470 24.73 27.76 -7.45
C GLY B 470 25.32 29.16 -7.35
N LYS B 471 26.65 29.24 -7.44
CA LYS B 471 27.35 30.52 -7.44
C LYS B 471 26.87 31.36 -8.62
N TRP B 472 26.77 30.73 -9.79
CA TRP B 472 26.30 31.40 -10.98
C TRP B 472 24.85 31.88 -10.86
N TYR B 473 24.02 31.07 -10.23
CA TYR B 473 22.59 31.40 -10.13
C TYR B 473 22.39 32.51 -9.12
N SER B 474 23.21 32.49 -8.07
CA SER B 474 23.17 33.53 -7.06
C SER B 474 23.56 34.85 -7.70
N ALA B 475 24.55 34.78 -8.58
CA ALA B 475 25.03 35.96 -9.28
C ALA B 475 23.92 36.59 -10.10
N LEU B 476 23.21 35.75 -10.87
CA LEU B 476 22.10 36.21 -11.68
C LEU B 476 20.96 36.77 -10.82
N ALA B 477 20.49 35.95 -9.87
CA ALA B 477 19.30 36.30 -9.09
C ALA B 477 19.51 37.49 -8.16
N SER B 478 20.75 37.72 -7.76
CA SER B 478 21.07 38.81 -6.82
C SER B 478 20.77 40.18 -7.38
N GLY B 479 20.79 40.29 -8.71
CA GLY B 479 20.51 41.56 -9.37
C GLY B 479 19.03 41.89 -9.42
N PHE B 480 18.19 40.97 -8.95
CA PHE B 480 16.74 41.15 -8.98
C PHE B 480 16.13 41.19 -7.56
N PRO B 481 15.14 42.07 -7.33
CA PRO B 481 14.59 43.07 -8.24
C PRO B 481 15.64 44.10 -8.61
N LYS B 482 15.61 44.58 -9.85
CA LYS B 482 16.69 45.43 -10.35
C LYS B 482 16.76 46.77 -9.63
N GLY B 483 15.62 47.25 -9.15
CA GLY B 483 15.56 48.49 -8.38
C GLY B 483 15.50 49.73 -9.27
N ASN B 484 15.20 50.88 -8.66
CA ASN B 484 15.11 52.13 -9.39
C ASN B 484 16.47 52.84 -9.56
N HIS B 485 17.02 52.78 -10.77
CA HIS B 485 18.24 53.52 -11.07
C HIS B 485 18.11 54.18 -12.44
N GLY B 486 18.99 55.15 -12.70
CA GLY B 486 18.97 55.86 -13.97
C GLY B 486 19.40 55.01 -15.17
N VAL B 487 19.34 55.62 -16.35
CA VAL B 487 19.77 55.00 -17.60
C VAL B 487 20.64 55.98 -18.39
N MET B 488 21.07 55.56 -19.58
CA MET B 488 21.80 56.43 -20.49
C MET B 488 21.84 55.84 -21.89
C1 GLC C . -8.17 -20.03 4.15
C2 GLC C . -8.31 -19.04 5.31
C3 GLC C . -9.80 -18.69 5.48
C4 GLC C . -10.39 -18.61 4.08
C5 GLC C . -10.39 -19.99 3.49
C6 GLC C . -9.84 -19.77 2.12
O1 GLC C . -7.13 -20.93 4.22
O2 GLC C . -7.68 -19.44 6.51
O3 GLC C . -9.99 -17.43 6.07
O4 GLC C . -11.68 -18.08 4.12
O5 GLC C . -9.36 -20.80 3.97
O6 GLC C . -10.96 -19.99 1.36
C1 GLC D . 9.43 16.55 -10.05
C2 GLC D . 9.02 16.92 -8.61
C3 GLC D . 10.28 17.10 -7.77
C4 GLC D . 11.26 16.01 -8.20
C5 GLC D . 11.74 16.21 -9.62
C6 GLC D . 11.65 14.97 -10.46
O1 GLC D . 9.12 17.57 -10.87
O2 GLC D . 8.04 17.96 -8.41
O3 GLC D . 9.97 16.78 -6.45
O4 GLC D . 12.31 15.93 -7.27
O5 GLC D . 10.76 16.83 -10.35
O6 GLC D . 12.97 14.55 -10.66
#